data_5U9M
#
_entry.id   5U9M
#
_cell.length_a   99.097
_cell.length_b   184.353
_cell.length_c   48.514
_cell.angle_alpha   90.00
_cell.angle_beta   90.00
_cell.angle_gamma   90.00
#
_symmetry.space_group_name_H-M   'P 21 21 2'
#
loop_
_entity.id
_entity.type
_entity.pdbx_description
1 polymer 'Superoxide dismutase [Cu-Zn]'
2 polymer 'Superoxide dismutase 1 copper chaperone'
3 non-polymer 'ZINC ION'
4 water water
#
loop_
_entity_poly.entity_id
_entity_poly.type
_entity_poly.pdbx_seq_one_letter_code
_entity_poly.pdbx_strand_id
1 'polypeptide(L)'
;ATKAVCVLKGDGPVQGIINFEQKESNGPVKVWGSIKGLTEGLHGFRVQEFGDNTAGCTSAGPHFNPLSRKHGGPKDEERH
VGDLGNVTADKDGVADVSIEDSVISLSGDHCIIGRTLVVHEKADDLGKGGNEESTKTGNAGSRLACGVIGIAQ
;
A,C
2 'polypeptide(L)'
;TTNDTYEATYAIPMHCENCVNDIKACLKNVPGINSLNFDIEQQIMSVESSVAPSTIINTLRNCGKDAIIRGAGKPNSSAV
AILETFQKYTIDQKKDTAVRGLARIVQVGENKTLFDITVNGVPEAGNYHASIHEKGDVSKGVESTGKVWHKFDEPIECFN
ESDLGKNLYSGKTFLSAPLPTWQLIGRSFVISKSLNHPENEPSSVKDYSFLGVIARSAGVWENNKQVCACTGKTVWAAAK
DALANNIK
;
B,D
#
loop_
_chem_comp.id
_chem_comp.type
_chem_comp.name
_chem_comp.formula
ZN non-polymer 'ZINC ION' 'Zn 2'
#
# COMPACT_ATOMS: atom_id res chain seq x y z
N ALA A 1 -14.52 5.27 15.00
CA ALA A 1 -14.30 4.36 13.89
C ALA A 1 -14.88 4.94 12.59
N THR A 2 -14.02 5.25 11.65
CA THR A 2 -14.42 6.07 10.51
C THR A 2 -14.20 5.40 9.15
N LYS A 3 -13.31 4.43 9.09
CA LYS A 3 -13.11 3.69 7.85
C LYS A 3 -13.03 2.19 8.13
N ALA A 4 -13.62 1.38 7.26
CA ALA A 4 -13.49 -0.08 7.39
C ALA A 4 -13.21 -0.67 6.02
N VAL A 5 -12.71 -1.89 5.98
CA VAL A 5 -12.38 -2.55 4.72
C VAL A 5 -12.66 -4.04 4.80
N CYS A 6 -12.97 -4.63 3.65
CA CYS A 6 -13.20 -6.05 3.61
C CYS A 6 -12.56 -6.70 2.38
N VAL A 7 -11.80 -7.76 2.60
CA VAL A 7 -11.28 -8.57 1.50
C VAL A 7 -12.20 -9.80 1.23
N LEU A 8 -12.96 -9.72 0.14
CA LEU A 8 -13.85 -10.80 -0.25
C LEU A 8 -13.06 -11.83 -1.03
N LYS A 9 -13.07 -13.06 -0.55
CA LYS A 9 -12.55 -14.13 -1.35
C LYS A 9 -13.35 -15.40 -1.10
N GLY A 10 -13.22 -16.33 -2.05
CA GLY A 10 -13.91 -17.60 -1.99
C GLY A 10 -13.12 -18.71 -2.67
N ASP A 11 -13.79 -19.82 -2.92
CA ASP A 11 -13.16 -21.02 -3.49
C ASP A 11 -13.01 -20.94 -4.99
N GLY A 12 -13.64 -19.93 -5.59
CA GLY A 12 -13.62 -19.78 -7.02
C GLY A 12 -12.95 -18.49 -7.46
N PRO A 13 -13.35 -18.01 -8.65
CA PRO A 13 -12.82 -16.79 -9.23
C PRO A 13 -13.28 -15.50 -8.52
N VAL A 14 -14.39 -15.54 -7.79
CA VAL A 14 -14.94 -14.31 -7.21
C VAL A 14 -14.04 -13.81 -6.10
N GLN A 15 -13.63 -12.56 -6.23
CA GLN A 15 -12.79 -11.94 -5.24
C GLN A 15 -12.92 -10.43 -5.39
N GLY A 16 -12.66 -9.72 -4.32
CA GLY A 16 -12.86 -8.28 -4.38
C GLY A 16 -12.47 -7.60 -3.10
N ILE A 17 -12.41 -6.28 -3.16
CA ILE A 17 -12.21 -5.46 -1.97
C ILE A 17 -13.27 -4.38 -1.84
N ILE A 18 -13.85 -4.30 -0.66
CA ILE A 18 -14.90 -3.33 -0.40
C ILE A 18 -14.48 -2.37 0.73
N ASN A 19 -14.63 -1.07 0.49
CA ASN A 19 -14.32 -0.07 1.51
C ASN A 19 -15.57 0.52 2.08
N PHE A 20 -15.50 0.90 3.34
CA PHE A 20 -16.55 1.59 4.04
C PHE A 20 -15.98 2.88 4.66
N GLU A 21 -16.76 3.95 4.61
CA GLU A 21 -16.34 5.22 5.17
C GLU A 21 -17.54 5.91 5.79
N GLN A 22 -17.38 6.38 7.02
CA GLN A 22 -18.43 7.10 7.75
C GLN A 22 -17.87 8.28 8.55
N LYS A 23 -18.06 9.48 8.04
CA LYS A 23 -17.46 10.66 8.65
C LYS A 23 -18.08 10.98 10.02
N GLU A 24 -19.40 11.01 10.08
CA GLU A 24 -20.12 11.25 11.32
C GLU A 24 -20.64 9.94 11.92
N SER A 25 -20.63 9.83 13.24
CA SER A 25 -21.08 8.60 13.89
C SER A 25 -22.52 8.24 13.52
N ASN A 26 -23.34 9.24 13.19
CA ASN A 26 -24.70 8.98 12.74
C ASN A 26 -24.93 9.52 11.35
N GLY A 27 -23.85 9.61 10.58
CA GLY A 27 -23.95 9.98 9.18
C GLY A 27 -24.09 8.70 8.35
N PRO A 28 -24.29 8.84 7.04
CA PRO A 28 -24.42 7.65 6.21
C PRO A 28 -23.09 6.90 6.05
N VAL A 29 -23.16 5.64 5.65
CA VAL A 29 -21.94 4.92 5.34
C VAL A 29 -21.81 4.83 3.83
N LYS A 30 -20.66 5.29 3.33
CA LYS A 30 -20.29 5.17 1.94
C LYS A 30 -19.62 3.81 1.76
N VAL A 31 -20.02 3.08 0.73
CA VAL A 31 -19.55 1.71 0.51
C VAL A 31 -19.15 1.54 -0.93
N TRP A 32 -17.87 1.30 -1.18
CA TRP A 32 -17.43 1.25 -2.56
C TRP A 32 -16.27 0.29 -2.68
N GLY A 33 -16.07 -0.17 -3.89
CA GLY A 33 -15.01 -1.10 -4.19
C GLY A 33 -15.41 -1.89 -5.42
N SER A 34 -14.71 -3.00 -5.64
CA SER A 34 -14.94 -3.82 -6.82
C SER A 34 -14.93 -5.31 -6.50
N ILE A 35 -15.78 -6.05 -7.21
CA ILE A 35 -15.80 -7.50 -7.15
C ILE A 35 -15.69 -8.04 -8.56
N LYS A 36 -14.75 -8.97 -8.77
CA LYS A 36 -14.56 -9.53 -10.10
C LYS A 36 -14.81 -11.03 -10.07
N GLY A 37 -14.97 -11.62 -11.25
CA GLY A 37 -15.15 -13.07 -11.35
C GLY A 37 -16.59 -13.51 -11.19
N LEU A 38 -17.51 -12.55 -11.28
CA LEU A 38 -18.92 -12.81 -11.15
C LEU A 38 -19.51 -13.11 -12.52
N THR A 39 -20.63 -13.80 -12.55
CA THR A 39 -21.40 -13.89 -13.77
C THR A 39 -22.16 -12.60 -13.96
N GLU A 40 -22.45 -12.26 -15.22
CA GLU A 40 -23.20 -11.06 -15.54
C GLU A 40 -24.51 -11.06 -14.78
N GLY A 41 -24.95 -9.90 -14.30
CA GLY A 41 -26.20 -9.81 -13.57
C GLY A 41 -26.13 -9.38 -12.12
N LEU A 42 -27.22 -9.64 -11.41
CA LEU A 42 -27.42 -9.20 -10.03
C LEU A 42 -27.03 -10.25 -8.99
N HIS A 43 -26.34 -9.78 -7.95
CA HIS A 43 -25.87 -10.68 -6.90
C HIS A 43 -26.20 -10.16 -5.49
N GLY A 44 -26.80 -11.01 -4.66
CA GLY A 44 -27.10 -10.68 -3.28
C GLY A 44 -25.84 -10.29 -2.53
N PHE A 45 -25.96 -9.25 -1.71
CA PHE A 45 -24.85 -8.57 -1.09
C PHE A 45 -25.27 -8.13 0.31
N ARG A 46 -24.71 -8.75 1.34
CA ARG A 46 -25.19 -8.45 2.68
C ARG A 46 -24.16 -8.77 3.74
N VAL A 47 -24.48 -8.33 4.96
CA VAL A 47 -23.62 -8.54 6.11
C VAL A 47 -24.29 -9.52 7.06
N GLN A 48 -23.53 -10.49 7.53
CA GLN A 48 -24.04 -11.47 8.48
C GLN A 48 -23.86 -11.00 9.91
N GLU A 49 -24.53 -11.69 10.83
CA GLU A 49 -24.48 -11.36 12.25
C GLU A 49 -23.08 -11.48 12.81
N PHE A 50 -22.37 -12.54 12.42
CA PHE A 50 -21.02 -12.74 12.92
C PHE A 50 -20.03 -12.64 11.81
N GLY A 51 -18.75 -12.66 12.18
CA GLY A 51 -17.70 -12.73 11.18
C GLY A 51 -16.96 -14.06 11.22
N ASP A 52 -17.45 -14.99 12.05
CA ASP A 52 -16.84 -16.31 12.24
C ASP A 52 -17.00 -17.17 10.98
N ASN A 53 -15.92 -17.43 10.27
CA ASN A 53 -16.03 -18.19 9.03
C ASN A 53 -15.41 -19.59 9.14
N THR A 54 -15.33 -20.10 10.37
CA THR A 54 -14.76 -21.41 10.60
C THR A 54 -15.67 -22.54 10.05
N ALA A 55 -16.99 -22.34 10.13
CA ALA A 55 -17.97 -23.31 9.70
C ALA A 55 -18.96 -22.79 8.64
N GLY A 56 -18.52 -21.91 7.77
CA GLY A 56 -19.39 -21.38 6.71
C GLY A 56 -20.63 -20.67 7.22
N CYS A 57 -21.75 -20.92 6.56
CA CYS A 57 -23.03 -20.24 6.83
C CYS A 57 -23.42 -20.38 8.28
N THR A 58 -23.04 -21.52 8.85
CA THR A 58 -23.46 -21.89 10.18
C THR A 58 -22.90 -20.96 11.25
N SER A 59 -21.61 -20.65 11.14
CA SER A 59 -20.92 -19.86 12.15
C SER A 59 -21.14 -18.35 11.94
N ALA A 60 -21.44 -17.92 10.70
CA ALA A 60 -21.60 -16.50 10.43
C ALA A 60 -22.98 -16.00 10.81
N GLY A 61 -23.92 -16.92 11.03
CA GLY A 61 -25.25 -16.51 11.45
C GLY A 61 -26.16 -15.95 10.37
N PRO A 62 -27.37 -15.57 10.77
CA PRO A 62 -28.27 -14.93 9.81
C PRO A 62 -27.80 -13.51 9.43
N HIS A 63 -28.55 -12.83 8.57
CA HIS A 63 -28.30 -11.42 8.27
C HIS A 63 -28.22 -10.64 9.55
N PHE A 64 -27.27 -9.71 9.60
CA PHE A 64 -27.13 -8.83 10.75
C PHE A 64 -28.45 -8.11 10.94
N ASN A 65 -29.05 -8.33 12.12
CA ASN A 65 -30.43 -7.95 12.38
C ASN A 65 -30.69 -7.56 13.84
N PRO A 66 -30.03 -6.50 14.34
CA PRO A 66 -30.21 -6.21 15.76
C PRO A 66 -31.60 -5.69 16.09
N LEU A 67 -32.34 -5.22 15.10
CA LEU A 67 -33.67 -4.70 15.37
C LEU A 67 -34.76 -5.77 15.19
N SER A 68 -34.34 -7.00 14.86
CA SER A 68 -35.26 -8.14 14.65
C SER A 68 -36.35 -7.80 13.65
N ARG A 69 -35.92 -7.46 12.45
CA ARG A 69 -36.85 -7.16 11.40
C ARG A 69 -36.89 -8.36 10.46
N LYS A 70 -37.73 -8.27 9.44
CA LYS A 70 -37.73 -9.21 8.33
C LYS A 70 -36.84 -8.68 7.22
N HIS A 71 -36.46 -9.58 6.32
CA HIS A 71 -35.54 -9.25 5.24
C HIS A 71 -36.16 -8.25 4.28
N GLY A 72 -35.35 -7.35 3.73
CA GLY A 72 -35.81 -6.44 2.71
C GLY A 72 -34.71 -5.91 1.78
N GLY A 73 -35.12 -5.12 0.80
CA GLY A 73 -34.19 -4.39 -0.05
C GLY A 73 -33.65 -3.25 0.79
N PRO A 74 -32.53 -2.64 0.37
CA PRO A 74 -31.91 -1.61 1.22
C PRO A 74 -32.79 -0.37 1.40
N LYS A 75 -33.61 -0.06 0.40
CA LYS A 75 -34.45 1.14 0.45
C LYS A 75 -35.74 0.86 1.21
N ASP A 76 -35.95 -0.38 1.64
CA ASP A 76 -37.22 -0.70 2.28
C ASP A 76 -37.21 -0.32 3.74
N GLU A 77 -38.39 0.07 4.22
CA GLU A 77 -38.64 0.41 5.61
C GLU A 77 -38.45 -0.82 6.53
N GLU A 78 -38.86 -1.98 6.03
CA GLU A 78 -38.64 -3.25 6.69
C GLU A 78 -37.43 -3.98 6.06
N ARG A 79 -36.33 -4.13 6.80
CA ARG A 79 -35.11 -4.74 6.29
C ARG A 79 -34.21 -5.09 7.47
N HIS A 80 -33.30 -6.04 7.27
CA HIS A 80 -32.26 -6.30 8.27
C HIS A 80 -31.25 -5.17 8.16
N VAL A 81 -30.51 -4.90 9.22
CA VAL A 81 -29.42 -3.92 9.12
C VAL A 81 -28.42 -4.32 8.05
N GLY A 82 -28.14 -5.63 7.97
CA GLY A 82 -27.17 -6.16 7.03
C GLY A 82 -27.59 -6.21 5.57
N ASP A 83 -28.82 -5.80 5.26
CA ASP A 83 -29.29 -5.96 3.88
C ASP A 83 -28.84 -4.87 2.92
N LEU A 84 -27.91 -5.18 2.04
CA LEU A 84 -27.37 -4.21 1.11
C LEU A 84 -27.82 -4.50 -0.33
N GLY A 85 -28.86 -5.29 -0.49
CA GLY A 85 -29.44 -5.45 -1.80
C GLY A 85 -28.59 -6.24 -2.78
N ASN A 86 -28.48 -5.71 -3.99
CA ASN A 86 -27.76 -6.39 -5.06
C ASN A 86 -26.61 -5.60 -5.62
N VAL A 87 -25.52 -6.28 -5.90
CA VAL A 87 -24.51 -5.65 -6.73
C VAL A 87 -24.69 -6.18 -8.13
N THR A 88 -24.25 -5.38 -9.10
CA THR A 88 -24.42 -5.71 -10.51
C THR A 88 -23.10 -5.96 -11.21
N ALA A 89 -22.94 -7.15 -11.77
CA ALA A 89 -21.74 -7.49 -12.53
C ALA A 89 -21.98 -7.20 -14.00
N ASP A 90 -21.05 -6.51 -14.64
CA ASP A 90 -21.17 -6.26 -16.07
C ASP A 90 -20.79 -7.51 -16.87
N LYS A 91 -20.70 -7.35 -18.19
CA LYS A 91 -20.40 -8.46 -19.10
C LYS A 91 -19.04 -9.10 -18.85
N ASP A 92 -18.11 -8.31 -18.30
CA ASP A 92 -16.74 -8.78 -18.07
C ASP A 92 -16.62 -9.38 -16.68
N GLY A 93 -17.78 -9.56 -16.04
CA GLY A 93 -17.89 -10.19 -14.75
C GLY A 93 -17.48 -9.33 -13.58
N VAL A 94 -17.45 -8.01 -13.80
CA VAL A 94 -16.98 -7.12 -12.75
C VAL A 94 -18.11 -6.27 -12.18
N ALA A 95 -18.30 -6.35 -10.87
CA ALA A 95 -19.29 -5.48 -10.20
C ALA A 95 -18.59 -4.31 -9.54
N ASP A 96 -18.85 -3.11 -10.05
CA ASP A 96 -18.33 -1.89 -9.42
C ASP A 96 -19.37 -1.37 -8.44
N VAL A 97 -19.01 -1.45 -7.18
CA VAL A 97 -19.92 -1.22 -6.08
C VAL A 97 -19.84 0.22 -5.64
N SER A 98 -20.96 0.90 -5.66
CA SER A 98 -20.99 2.26 -5.17
C SER A 98 -22.32 2.47 -4.46
N ILE A 99 -22.27 2.54 -3.13
CA ILE A 99 -23.45 2.54 -2.28
C ILE A 99 -23.33 3.61 -1.19
N GLU A 100 -24.45 4.26 -0.89
CA GLU A 100 -24.61 4.98 0.36
C GLU A 100 -25.72 4.29 1.11
N ASP A 101 -25.47 3.97 2.37
CA ASP A 101 -26.49 3.34 3.20
C ASP A 101 -26.64 4.04 4.55
N SER A 102 -27.88 4.21 4.97
CA SER A 102 -28.18 4.94 6.20
C SER A 102 -28.38 4.03 7.40
N VAL A 103 -28.47 2.72 7.17
CA VAL A 103 -28.84 1.80 8.26
C VAL A 103 -27.61 1.13 8.88
N ILE A 104 -26.67 0.69 8.04
CA ILE A 104 -25.42 0.19 8.61
C ILE A 104 -24.64 1.36 9.20
N SER A 105 -23.66 1.03 10.02
CA SER A 105 -22.90 2.03 10.72
C SER A 105 -21.54 1.47 11.04
N LEU A 106 -20.58 2.31 11.40
CA LEU A 106 -19.28 1.82 11.83
C LEU A 106 -19.12 1.95 13.33
N SER A 107 -20.23 2.11 14.03
CA SER A 107 -20.23 2.20 15.50
C SER A 107 -21.64 2.00 16.01
N GLY A 108 -21.78 1.71 17.30
CA GLY A 108 -23.09 1.59 17.93
C GLY A 108 -23.79 0.26 17.64
N ASP A 109 -25.10 0.23 17.86
CA ASP A 109 -25.86 -1.01 17.72
C ASP A 109 -25.86 -1.57 16.30
N HIS A 110 -25.68 -0.70 15.30
CA HIS A 110 -25.68 -1.14 13.91
C HIS A 110 -24.29 -1.31 13.33
N CYS A 111 -23.28 -1.35 14.21
CA CYS A 111 -21.92 -1.45 13.76
C CYS A 111 -21.63 -2.80 13.07
N ILE A 112 -21.12 -2.73 11.85
CA ILE A 112 -20.84 -3.91 11.05
C ILE A 112 -19.40 -4.39 11.11
N ILE A 113 -18.53 -3.69 11.82
CA ILE A 113 -17.14 -4.11 11.88
C ILE A 113 -17.04 -5.48 12.60
N GLY A 114 -16.22 -6.36 12.06
CA GLY A 114 -16.05 -7.68 12.65
C GLY A 114 -17.14 -8.67 12.22
N ARG A 115 -17.90 -8.31 11.20
CA ARG A 115 -18.94 -9.20 10.67
C ARG A 115 -18.61 -9.58 9.23
N THR A 116 -19.19 -10.68 8.77
CA THR A 116 -18.91 -11.17 7.43
C THR A 116 -19.74 -10.44 6.40
N LEU A 117 -19.07 -9.89 5.39
CA LEU A 117 -19.71 -9.37 4.19
C LEU A 117 -19.73 -10.50 3.14
N VAL A 118 -20.86 -10.72 2.46
CA VAL A 118 -21.00 -11.87 1.56
C VAL A 118 -21.58 -11.47 0.21
N VAL A 119 -21.09 -12.07 -0.87
CA VAL A 119 -21.74 -11.85 -2.17
C VAL A 119 -22.19 -13.20 -2.72
N HIS A 120 -23.42 -13.24 -3.21
CA HIS A 120 -24.11 -14.49 -3.52
C HIS A 120 -24.21 -14.72 -5.03
N GLU A 121 -24.52 -15.96 -5.41
CA GLU A 121 -24.65 -16.31 -6.82
C GLU A 121 -25.88 -15.70 -7.48
N LYS A 122 -27.00 -15.66 -6.76
CA LYS A 122 -28.24 -15.17 -7.35
C LYS A 122 -28.66 -13.83 -6.74
N ALA A 123 -29.60 -13.16 -7.41
CA ALA A 123 -30.10 -11.89 -6.91
C ALA A 123 -30.89 -12.12 -5.64
N ASP A 124 -30.79 -11.14 -4.76
CA ASP A 124 -31.65 -10.99 -3.60
C ASP A 124 -33.05 -10.59 -4.12
N ASP A 125 -34.09 -11.31 -3.72
CA ASP A 125 -35.47 -10.99 -4.17
C ASP A 125 -36.06 -9.90 -3.29
N LEU A 126 -35.23 -9.38 -2.39
CA LEU A 126 -35.50 -8.18 -1.61
C LEU A 126 -36.74 -8.39 -0.76
N GLY A 127 -37.00 -9.63 -0.38
CA GLY A 127 -38.11 -9.99 0.49
C GLY A 127 -39.46 -9.89 -0.23
N LYS A 128 -39.43 -9.69 -1.54
CA LYS A 128 -40.62 -9.52 -2.38
C LYS A 128 -40.96 -10.86 -3.05
N GLY A 129 -40.30 -11.91 -2.57
CA GLY A 129 -40.57 -13.23 -3.07
C GLY A 129 -41.82 -13.77 -2.38
N GLY A 130 -42.46 -14.75 -3.01
CA GLY A 130 -43.70 -15.29 -2.46
C GLY A 130 -43.51 -16.52 -1.61
N ASN A 131 -42.52 -16.51 -0.72
CA ASN A 131 -42.29 -17.60 0.19
C ASN A 131 -41.69 -17.07 1.49
N GLU A 132 -41.69 -17.92 2.51
CA GLU A 132 -41.20 -17.50 3.79
C GLU A 132 -39.70 -17.23 3.75
N GLU A 133 -38.96 -18.01 2.96
CA GLU A 133 -37.52 -17.82 2.92
C GLU A 133 -37.14 -16.43 2.35
N SER A 134 -37.97 -15.92 1.47
CA SER A 134 -37.77 -14.60 0.94
C SER A 134 -37.69 -13.56 2.06
N THR A 135 -38.52 -13.71 3.09
CA THR A 135 -38.57 -12.76 4.17
C THR A 135 -37.51 -13.03 5.21
N LYS A 136 -36.67 -14.03 4.97
CA LYS A 136 -35.56 -14.33 5.88
C LYS A 136 -34.19 -14.03 5.22
N THR A 137 -33.99 -14.46 3.98
CA THR A 137 -32.67 -14.27 3.34
C THR A 137 -32.73 -13.69 1.94
N GLY A 138 -33.92 -13.53 1.40
CA GLY A 138 -34.03 -13.03 0.04
C GLY A 138 -33.63 -14.02 -1.07
N ASN A 139 -33.39 -15.29 -0.72
CA ASN A 139 -33.19 -16.34 -1.74
C ASN A 139 -32.07 -16.11 -2.72
N ALA A 140 -30.92 -15.70 -2.23
CA ALA A 140 -29.84 -15.31 -3.13
C ALA A 140 -28.95 -16.47 -3.57
N GLY A 141 -29.33 -17.70 -3.18
CA GLY A 141 -28.60 -18.88 -3.58
C GLY A 141 -27.31 -19.03 -2.80
N SER A 142 -26.29 -19.65 -3.39
CA SER A 142 -25.08 -19.97 -2.64
C SER A 142 -24.14 -18.77 -2.54
N ARG A 143 -23.26 -18.82 -1.54
CA ARG A 143 -22.22 -17.83 -1.28
C ARG A 143 -21.07 -18.00 -2.26
N LEU A 144 -20.71 -16.96 -2.97
CA LEU A 144 -19.54 -17.04 -3.85
C LEU A 144 -18.27 -16.57 -3.13
N ALA A 145 -18.39 -15.53 -2.30
CA ALA A 145 -17.22 -14.98 -1.61
C ALA A 145 -17.60 -14.20 -0.37
N CYS A 146 -16.68 -14.21 0.59
CA CYS A 146 -16.92 -13.51 1.82
C CYS A 146 -15.61 -13.01 2.45
N GLY A 147 -15.75 -12.09 3.39
CA GLY A 147 -14.64 -11.61 4.18
C GLY A 147 -15.14 -10.96 5.44
N VAL A 148 -14.24 -10.80 6.39
CA VAL A 148 -14.56 -10.11 7.61
C VAL A 148 -14.29 -8.60 7.45
N ILE A 149 -15.24 -7.76 7.85
CA ILE A 149 -15.07 -6.31 7.81
C ILE A 149 -14.13 -5.90 8.96
N GLY A 150 -12.98 -5.32 8.62
CA GLY A 150 -12.03 -4.91 9.63
C GLY A 150 -11.82 -3.40 9.64
N ILE A 151 -11.20 -2.91 10.72
CA ILE A 151 -10.86 -1.49 10.86
C ILE A 151 -9.80 -1.06 9.86
N ALA A 152 -10.08 0.01 9.12
CA ALA A 152 -9.12 0.57 8.16
C ALA A 152 -8.55 1.91 8.62
N GLN A 153 -9.24 2.52 9.61
CA GLN A 153 -8.91 3.83 10.25
C GLN A 153 -10.06 4.33 11.15
N GLU B 7 -14.43 -16.60 35.43
CA GLU B 7 -15.41 -17.58 34.98
C GLU B 7 -15.28 -17.92 33.50
N ALA B 8 -15.20 -19.20 33.20
CA ALA B 8 -15.07 -19.69 31.82
C ALA B 8 -16.06 -20.83 31.55
N THR B 9 -16.39 -21.04 30.28
CA THR B 9 -17.28 -22.14 29.91
C THR B 9 -16.54 -23.17 29.05
N TYR B 10 -16.68 -24.46 29.38
CA TYR B 10 -15.99 -25.51 28.65
C TYR B 10 -16.98 -26.46 27.97
N ALA B 11 -16.64 -26.95 26.79
CA ALA B 11 -17.45 -27.93 26.06
C ALA B 11 -16.95 -29.37 26.22
N ILE B 12 -17.88 -30.31 26.43
CA ILE B 12 -17.53 -31.73 26.57
C ILE B 12 -18.36 -32.57 25.58
N CYS B 16 -24.76 -38.46 27.97
CA CYS B 16 -25.89 -38.89 28.79
C CYS B 16 -25.72 -38.46 30.25
N GLU B 17 -26.46 -39.12 31.14
CA GLU B 17 -26.41 -38.79 32.56
C GLU B 17 -25.26 -39.46 33.31
N ASN B 18 -24.77 -40.57 32.78
CA ASN B 18 -23.63 -41.27 33.35
C ASN B 18 -22.32 -40.56 32.98
N CYS B 19 -22.36 -39.81 31.88
CA CYS B 19 -21.22 -39.04 31.42
C CYS B 19 -20.91 -37.92 32.40
N VAL B 20 -21.96 -37.40 33.03
CA VAL B 20 -21.90 -36.21 33.88
C VAL B 20 -20.97 -36.35 35.10
N ASN B 21 -21.16 -37.41 35.87
CA ASN B 21 -20.38 -37.61 37.09
C ASN B 21 -18.99 -38.20 36.79
N ASP B 22 -18.85 -38.73 35.58
CA ASP B 22 -17.57 -39.18 35.05
C ASP B 22 -16.55 -38.04 35.01
N ILE B 23 -17.04 -36.86 34.61
CA ILE B 23 -16.24 -35.64 34.47
C ILE B 23 -16.03 -34.86 35.77
N LYS B 24 -17.12 -34.64 36.52
CA LYS B 24 -17.01 -33.94 37.80
C LYS B 24 -16.05 -34.68 38.70
N ALA B 25 -16.07 -36.00 38.62
CA ALA B 25 -15.10 -36.84 39.30
C ALA B 25 -13.68 -36.43 38.96
N CYS B 26 -13.36 -36.48 37.67
CA CYS B 26 -11.99 -36.29 37.17
C CYS B 26 -11.36 -34.98 37.67
N LEU B 27 -12.21 -34.02 38.01
CA LEU B 27 -11.74 -32.67 38.34
C LEU B 27 -11.56 -32.39 39.83
N LYS B 28 -12.13 -33.24 40.69
CA LYS B 28 -12.36 -32.85 42.07
C LYS B 28 -11.13 -32.50 42.92
N ASN B 29 -9.99 -33.15 42.69
CA ASN B 29 -8.82 -32.93 43.53
C ASN B 29 -8.07 -31.64 43.17
N VAL B 30 -8.59 -30.92 42.18
CA VAL B 30 -7.93 -29.72 41.69
C VAL B 30 -8.43 -28.48 42.44
N PRO B 31 -7.49 -27.73 43.03
CA PRO B 31 -7.69 -26.52 43.82
C PRO B 31 -7.86 -25.25 42.97
N GLY B 32 -8.34 -24.18 43.59
CA GLY B 32 -8.57 -22.92 42.88
C GLY B 32 -9.98 -22.88 42.30
N ILE B 33 -10.64 -24.02 42.31
CA ILE B 33 -12.01 -24.12 41.85
C ILE B 33 -13.01 -23.71 42.93
N ASN B 34 -13.81 -22.69 42.60
CA ASN B 34 -14.82 -22.16 43.52
C ASN B 34 -16.16 -22.88 43.35
N SER B 35 -16.51 -23.18 42.10
CA SER B 35 -17.75 -23.88 41.78
C SER B 35 -17.68 -24.55 40.41
N LEU B 36 -18.62 -25.46 40.16
CA LEU B 36 -18.75 -26.12 38.85
C LEU B 36 -20.23 -26.19 38.52
N ASN B 37 -20.59 -25.74 37.32
CA ASN B 37 -21.97 -25.85 36.89
C ASN B 37 -22.06 -26.62 35.58
N PHE B 38 -23.16 -27.32 35.38
CA PHE B 38 -23.25 -28.21 34.23
C PHE B 38 -24.54 -28.07 33.43
N ASP B 39 -24.40 -28.17 32.11
CA ASP B 39 -25.53 -28.17 31.20
C ASP B 39 -25.34 -29.26 30.14
N ILE B 40 -25.83 -30.46 30.43
CA ILE B 40 -25.54 -31.63 29.59
C ILE B 40 -26.33 -31.57 28.29
N GLU B 41 -27.36 -30.73 28.28
CA GLU B 41 -28.17 -30.48 27.10
C GLU B 41 -27.32 -29.88 25.97
N GLN B 42 -26.66 -28.76 26.27
CA GLN B 42 -25.74 -28.12 25.33
C GLN B 42 -24.36 -28.78 25.34
N GLN B 43 -24.19 -29.75 26.24
CA GLN B 43 -22.91 -30.44 26.47
C GLN B 43 -21.80 -29.47 26.84
N ILE B 44 -22.07 -28.59 27.80
CA ILE B 44 -21.06 -27.63 28.28
C ILE B 44 -20.91 -27.67 29.79
N MET B 45 -19.95 -26.90 30.30
CA MET B 45 -19.69 -26.84 31.72
C MET B 45 -19.06 -25.50 32.10
N SER B 46 -19.69 -24.78 33.02
CA SER B 46 -19.18 -23.50 33.46
C SER B 46 -18.35 -23.67 34.72
N VAL B 47 -17.21 -22.98 34.78
CA VAL B 47 -16.31 -23.06 35.93
C VAL B 47 -15.81 -21.69 36.35
N GLU B 48 -16.21 -21.24 37.54
CA GLU B 48 -15.77 -19.93 38.03
C GLU B 48 -14.57 -20.12 38.94
N SER B 49 -13.45 -19.51 38.56
CA SER B 49 -12.19 -19.76 39.26
C SER B 49 -11.09 -18.73 39.03
N SER B 50 -10.01 -18.93 39.78
CA SER B 50 -8.75 -18.21 39.58
C SER B 50 -7.70 -19.21 39.04
N VAL B 51 -8.17 -20.38 38.62
CA VAL B 51 -7.27 -21.43 38.13
C VAL B 51 -7.13 -21.44 36.60
N ALA B 52 -5.92 -21.74 36.13
CA ALA B 52 -5.62 -21.84 34.70
C ALA B 52 -6.53 -22.82 33.96
N PRO B 53 -7.06 -22.40 32.79
CA PRO B 53 -7.92 -23.22 31.93
C PRO B 53 -7.17 -24.39 31.28
N SER B 54 -5.87 -24.21 31.03
CA SER B 54 -5.04 -25.30 30.52
C SER B 54 -4.95 -26.45 31.52
N THR B 55 -5.11 -26.11 32.80
CA THR B 55 -5.11 -27.09 33.88
C THR B 55 -6.39 -27.92 33.81
N ILE B 56 -7.50 -27.20 33.74
CA ILE B 56 -8.83 -27.79 33.61
C ILE B 56 -8.93 -28.78 32.45
N ILE B 57 -8.41 -28.36 31.29
CA ILE B 57 -8.51 -29.14 30.06
C ILE B 57 -7.59 -30.36 29.98
N ASN B 58 -6.34 -30.20 30.42
CA ASN B 58 -5.38 -31.29 30.35
C ASN B 58 -5.72 -32.41 31.30
N THR B 59 -6.26 -32.03 32.46
CA THR B 59 -6.74 -33.00 33.44
C THR B 59 -7.69 -33.98 32.74
N LEU B 60 -8.63 -33.43 31.97
CA LEU B 60 -9.57 -34.22 31.19
C LEU B 60 -8.88 -34.89 29.99
N ASP B 66 -11.55 -34.95 26.93
CA ASP B 66 -11.31 -33.91 25.94
C ASP B 66 -12.26 -32.73 26.12
N ALA B 67 -11.70 -31.56 26.41
CA ALA B 67 -12.49 -30.36 26.65
C ALA B 67 -11.89 -29.12 25.97
N ILE B 68 -12.75 -28.31 25.36
CA ILE B 68 -12.30 -27.06 24.74
C ILE B 68 -12.88 -25.84 25.47
N ILE B 69 -12.15 -24.74 25.41
CA ILE B 69 -12.68 -23.45 25.86
C ILE B 69 -13.82 -23.06 24.91
N ARG B 70 -14.92 -22.61 25.50
CA ARG B 70 -16.08 -22.27 24.69
C ARG B 70 -16.55 -20.89 25.12
N GLY B 71 -17.38 -20.27 24.29
CA GLY B 71 -17.93 -18.97 24.61
C GLY B 71 -19.11 -19.11 25.54
N ALA B 72 -19.24 -18.18 26.47
CA ALA B 72 -20.48 -18.05 27.24
C ALA B 72 -21.60 -17.48 26.35
N GLY B 73 -22.75 -17.19 26.93
CA GLY B 73 -23.83 -16.58 26.17
C GLY B 73 -23.73 -15.07 26.07
N LYS B 74 -22.87 -14.48 26.91
CA LYS B 74 -22.65 -13.04 26.97
C LYS B 74 -22.40 -12.42 25.60
N PRO B 75 -23.12 -11.33 25.31
CA PRO B 75 -23.07 -10.73 23.97
C PRO B 75 -21.75 -10.00 23.71
N ASN B 76 -21.23 -10.17 22.49
CA ASN B 76 -19.95 -9.60 22.07
C ASN B 76 -18.80 -9.95 23.02
N SER B 77 -18.75 -11.22 23.43
CA SER B 77 -17.73 -11.70 24.33
C SER B 77 -16.79 -12.70 23.61
N SER B 78 -17.24 -13.20 22.46
CA SER B 78 -16.45 -14.20 21.76
C SER B 78 -16.01 -13.76 20.39
N ALA B 79 -14.79 -14.11 20.06
CA ALA B 79 -14.28 -13.83 18.74
C ALA B 79 -13.43 -14.97 18.17
N VAL B 80 -13.20 -14.92 16.87
CA VAL B 80 -12.31 -15.84 16.21
C VAL B 80 -11.45 -15.10 15.16
N ALA B 81 -10.26 -15.63 14.92
CA ALA B 81 -9.44 -15.17 13.83
C ALA B 81 -8.84 -16.37 13.09
N ILE B 82 -9.19 -16.47 11.81
CA ILE B 82 -8.63 -17.50 10.96
C ILE B 82 -7.36 -16.95 10.36
N LEU B 83 -6.24 -17.60 10.67
CA LEU B 83 -4.92 -17.08 10.30
C LEU B 83 -4.38 -17.72 9.03
N GLU B 84 -4.22 -16.91 7.99
CA GLU B 84 -3.79 -17.38 6.68
C GLU B 84 -2.52 -16.69 6.23
N THR B 85 -1.67 -17.40 5.46
CA THR B 85 -0.52 -16.76 4.85
C THR B 85 -1.02 -15.83 3.76
N PHE B 86 -0.30 -14.75 3.55
CA PHE B 86 -0.63 -13.80 2.50
C PHE B 86 0.34 -13.86 1.35
N GLN B 87 1.63 -13.97 1.67
CA GLN B 87 2.66 -14.14 0.65
C GLN B 87 2.84 -15.59 0.26
N LYS B 88 3.43 -15.79 -0.91
CA LYS B 88 3.85 -17.11 -1.36
C LYS B 88 5.28 -17.29 -0.86
N TYR B 89 5.53 -18.36 -0.13
CA TYR B 89 6.88 -18.62 0.36
C TYR B 89 7.50 -19.79 -0.35
N THR B 90 8.79 -19.67 -0.65
CA THR B 90 9.53 -20.75 -1.27
C THR B 90 9.46 -21.99 -0.40
N ILE B 91 9.67 -21.83 0.90
CA ILE B 91 9.67 -22.96 1.84
C ILE B 91 8.28 -23.53 2.13
N ASP B 92 7.25 -22.85 1.66
CA ASP B 92 5.88 -23.22 1.95
C ASP B 92 5.23 -23.85 0.73
N GLN B 93 5.18 -25.17 0.72
CA GLN B 93 4.68 -25.87 -0.44
C GLN B 93 3.28 -26.47 -0.22
N LYS B 94 2.70 -26.18 0.94
CA LYS B 94 1.31 -26.56 1.22
C LYS B 94 0.36 -25.65 0.42
N LYS B 95 -0.17 -26.16 -0.68
CA LYS B 95 -0.93 -25.32 -1.61
C LYS B 95 -2.42 -25.56 -1.61
N ASP B 96 -2.89 -26.48 -0.77
CA ASP B 96 -4.32 -26.77 -0.73
C ASP B 96 -5.13 -25.74 0.09
N THR B 97 -4.45 -25.07 1.02
CA THR B 97 -5.04 -24.00 1.82
C THR B 97 -3.94 -23.09 2.37
N ALA B 98 -4.25 -21.83 2.57
CA ALA B 98 -3.32 -20.89 3.20
C ALA B 98 -3.53 -20.78 4.72
N VAL B 99 -4.53 -21.47 5.25
CA VAL B 99 -4.76 -21.46 6.68
C VAL B 99 -3.59 -22.18 7.38
N ARG B 100 -3.02 -21.52 8.39
CA ARG B 100 -1.94 -22.10 9.18
C ARG B 100 -2.31 -22.11 10.66
N GLY B 101 -3.32 -21.33 11.01
CA GLY B 101 -3.64 -21.18 12.42
C GLY B 101 -5.04 -20.68 12.67
N LEU B 102 -5.46 -20.86 13.92
CA LEU B 102 -6.78 -20.48 14.38
C LEU B 102 -6.70 -19.89 15.78
N ALA B 103 -7.26 -18.71 15.95
CA ALA B 103 -7.34 -18.16 17.30
C ALA B 103 -8.79 -18.17 17.74
N ARG B 104 -9.09 -18.85 18.84
CA ARG B 104 -10.40 -18.74 19.47
C ARG B 104 -10.23 -17.88 20.69
N ILE B 105 -11.07 -16.86 20.78
CA ILE B 105 -10.94 -15.83 21.78
C ILE B 105 -12.19 -15.76 22.64
N VAL B 106 -12.04 -15.80 23.96
CA VAL B 106 -13.20 -15.64 24.86
C VAL B 106 -12.93 -14.63 25.95
N GLN B 107 -13.93 -13.81 26.24
CA GLN B 107 -13.76 -12.91 27.36
C GLN B 107 -14.02 -13.70 28.62
N VAL B 108 -13.08 -13.61 29.54
CA VAL B 108 -13.11 -14.44 30.72
C VAL B 108 -13.12 -13.54 31.95
N GLY B 109 -13.02 -12.24 31.71
CA GLY B 109 -12.98 -11.27 32.79
C GLY B 109 -13.69 -10.01 32.34
N GLU B 110 -13.58 -8.92 33.11
CA GLU B 110 -14.19 -7.67 32.69
C GLU B 110 -13.25 -6.97 31.70
N ASN B 111 -11.96 -7.04 32.00
CA ASN B 111 -10.93 -6.62 31.06
C ASN B 111 -9.94 -7.73 30.90
N LYS B 112 -10.43 -8.96 30.85
CA LYS B 112 -9.56 -10.12 30.70
C LYS B 112 -10.01 -10.99 29.56
N THR B 113 -9.07 -11.40 28.72
CA THR B 113 -9.44 -12.23 27.60
C THR B 113 -8.43 -13.37 27.37
N LEU B 114 -8.96 -14.50 26.90
CA LEU B 114 -8.17 -15.70 26.73
C LEU B 114 -8.14 -16.15 25.27
N PHE B 115 -6.98 -16.59 24.82
CA PHE B 115 -6.78 -16.92 23.43
C PHE B 115 -6.37 -18.38 23.24
N ASP B 116 -7.21 -19.16 22.58
CA ASP B 116 -6.92 -20.56 22.27
C ASP B 116 -6.27 -20.58 20.89
N ILE B 117 -4.96 -20.72 20.87
CA ILE B 117 -4.22 -20.65 19.61
C ILE B 117 -3.74 -22.02 19.19
N THR B 118 -4.01 -22.37 17.95
CA THR B 118 -3.48 -23.58 17.36
C THR B 118 -2.73 -23.25 16.08
N VAL B 119 -1.59 -23.88 15.88
CA VAL B 119 -0.85 -23.72 14.63
C VAL B 119 -0.62 -25.10 14.03
N ASN B 120 -0.73 -25.19 12.72
CA ASN B 120 -0.56 -26.46 12.06
C ASN B 120 -0.24 -26.28 10.60
N GLY B 121 0.84 -26.95 10.14
CA GLY B 121 1.22 -26.92 8.74
C GLY B 121 2.27 -25.88 8.37
N VAL B 122 2.93 -25.30 9.37
CA VAL B 122 4.03 -24.39 9.11
C VAL B 122 5.29 -25.20 8.75
N PRO B 123 6.11 -24.68 7.83
CA PRO B 123 7.30 -25.38 7.32
C PRO B 123 8.50 -25.43 8.27
N GLU B 124 8.73 -24.36 9.02
CA GLU B 124 9.86 -24.27 9.94
C GLU B 124 9.45 -24.43 11.38
N ALA B 125 10.03 -25.40 12.08
CA ALA B 125 9.89 -25.50 13.52
C ALA B 125 10.43 -24.23 14.16
N GLY B 126 9.95 -23.89 15.35
CA GLY B 126 10.37 -22.66 15.99
C GLY B 126 9.38 -22.05 16.95
N ASN B 127 9.80 -20.97 17.61
CA ASN B 127 8.87 -20.16 18.37
C ASN B 127 8.22 -19.12 17.47
N TYR B 128 6.89 -19.14 17.41
CA TYR B 128 6.15 -18.13 16.62
C TYR B 128 5.57 -17.09 17.57
N HIS B 129 5.56 -15.83 17.14
CA HIS B 129 5.16 -14.75 18.02
C HIS B 129 3.83 -14.14 17.62
N ALA B 130 2.93 -14.01 18.58
CA ALA B 130 1.60 -13.52 18.27
C ALA B 130 1.48 -12.07 18.64
N SER B 131 0.85 -11.29 17.78
CA SER B 131 0.57 -9.90 18.11
C SER B 131 -0.79 -9.48 17.55
N ILE B 132 -1.36 -8.40 18.05
CA ILE B 132 -2.54 -7.86 17.45
C ILE B 132 -2.16 -6.55 16.82
N HIS B 133 -2.48 -6.35 15.54
CA HIS B 133 -2.17 -5.09 14.89
C HIS B 133 -3.37 -4.15 14.87
N GLU B 134 -3.12 -2.88 14.64
CA GLU B 134 -4.16 -1.88 14.86
C GLU B 134 -5.33 -2.06 13.90
N LYS B 135 -5.03 -2.33 12.64
CA LYS B 135 -6.04 -2.34 11.60
C LYS B 135 -6.34 -3.75 11.09
N GLY B 136 -7.61 -3.98 10.77
CA GLY B 136 -8.07 -5.23 10.21
C GLY B 136 -8.12 -5.18 8.70
N ASP B 137 -7.09 -4.59 8.11
CA ASP B 137 -6.91 -4.50 6.66
C ASP B 137 -5.87 -5.52 6.19
N VAL B 138 -6.31 -6.65 5.64
CA VAL B 138 -5.39 -7.69 5.20
C VAL B 138 -5.28 -7.70 3.66
N SER B 139 -5.62 -6.59 3.01
CA SER B 139 -5.43 -6.50 1.56
C SER B 139 -3.95 -6.67 1.16
N LYS B 140 -3.05 -6.13 1.97
CA LYS B 140 -1.62 -6.23 1.68
C LYS B 140 -0.88 -7.12 2.69
N GLY B 141 -1.59 -8.09 3.28
CA GLY B 141 -0.97 -8.94 4.28
C GLY B 141 -0.61 -8.09 5.49
N VAL B 142 0.44 -8.48 6.21
CA VAL B 142 0.83 -7.75 7.42
C VAL B 142 1.05 -6.25 7.19
N GLU B 143 1.61 -5.90 6.05
CA GLU B 143 1.90 -4.51 5.73
C GLU B 143 0.69 -3.58 5.93
N SER B 144 -0.50 -4.02 5.56
CA SER B 144 -1.66 -3.13 5.63
C SER B 144 -2.36 -3.08 6.98
N THR B 145 -1.91 -3.91 7.95
CA THR B 145 -2.55 -3.95 9.28
C THR B 145 -2.03 -2.86 10.21
N GLY B 146 -1.05 -2.09 9.75
CA GLY B 146 -0.54 -1.02 10.55
C GLY B 146 0.29 -1.50 11.73
N LYS B 147 0.33 -0.68 12.77
CA LYS B 147 1.27 -0.86 13.87
C LYS B 147 0.88 -2.01 14.80
N VAL B 148 1.83 -2.55 15.54
CA VAL B 148 1.50 -3.46 16.62
C VAL B 148 0.64 -2.69 17.63
N TRP B 149 -0.38 -3.35 18.14
CA TRP B 149 -1.35 -2.72 19.04
C TRP B 149 -1.29 -3.46 20.36
N HIS B 150 -1.05 -4.77 20.28
CA HIS B 150 -0.75 -5.54 21.47
C HIS B 150 0.22 -6.65 21.15
N LYS B 151 1.34 -6.68 21.87
CA LYS B 151 2.30 -7.73 21.68
C LYS B 151 2.12 -8.76 22.77
N PHE B 152 2.05 -10.02 22.38
CA PHE B 152 1.99 -11.14 23.31
C PHE B 152 3.39 -11.62 23.57
N ASP B 153 3.80 -11.55 24.83
CA ASP B 153 5.16 -11.94 25.21
C ASP B 153 5.40 -13.44 25.01
N GLU B 154 4.40 -14.25 25.36
CA GLU B 154 4.55 -15.70 25.25
C GLU B 154 4.59 -16.17 23.81
N PRO B 155 5.51 -17.08 23.53
CA PRO B 155 5.66 -17.63 22.18
C PRO B 155 4.71 -18.80 21.96
N ILE B 156 4.43 -19.08 20.71
CA ILE B 156 3.79 -20.33 20.35
C ILE B 156 4.89 -21.30 19.97
N GLU B 157 5.09 -22.32 20.80
CA GLU B 157 6.14 -23.31 20.56
C GLU B 157 5.74 -24.28 19.48
N CYS B 158 6.27 -24.11 18.28
CA CYS B 158 5.96 -25.03 17.19
C CYS B 158 7.11 -25.98 16.85
N PHE B 159 7.27 -27.03 17.65
CA PHE B 159 8.34 -27.99 17.42
C PHE B 159 7.78 -29.40 17.25
N ASN B 160 6.50 -29.57 17.57
CA ASN B 160 5.82 -30.83 17.34
C ASN B 160 5.68 -31.08 15.85
N GLU B 161 5.87 -32.31 15.42
CA GLU B 161 5.66 -32.63 14.02
C GLU B 161 4.18 -32.55 13.73
N SER B 162 3.82 -32.19 12.50
CA SER B 162 2.43 -31.99 12.12
C SER B 162 1.87 -33.24 11.44
N ASP B 163 0.63 -33.58 11.76
CA ASP B 163 -0.03 -34.72 11.12
C ASP B 163 -0.20 -34.52 9.61
N LEU B 164 -0.02 -33.29 9.14
CA LEU B 164 -0.14 -32.97 7.71
C LEU B 164 1.09 -33.42 6.89
N GLY B 165 1.91 -34.30 7.45
CA GLY B 165 3.06 -34.79 6.73
C GLY B 165 4.39 -34.36 7.36
N LYS B 166 5.49 -34.81 6.78
CA LYS B 166 6.81 -34.47 7.28
C LYS B 166 7.26 -33.10 6.78
N ASN B 167 8.24 -32.53 7.50
CA ASN B 167 8.73 -31.15 7.29
C ASN B 167 7.66 -30.09 7.56
N LEU B 168 6.62 -30.48 8.29
CA LEU B 168 5.55 -29.59 8.71
C LEU B 168 5.45 -29.66 10.22
N TYR B 169 5.16 -28.52 10.85
CA TYR B 169 5.12 -28.49 12.30
C TYR B 169 3.84 -27.87 12.83
N SER B 170 3.60 -28.12 14.11
CA SER B 170 2.38 -27.70 14.76
C SER B 170 2.72 -27.14 16.14
N GLY B 171 1.79 -26.41 16.72
CA GLY B 171 1.96 -25.92 18.06
C GLY B 171 0.62 -25.48 18.62
N LYS B 172 0.55 -25.32 19.94
CA LYS B 172 -0.64 -24.82 20.59
C LYS B 172 -0.29 -24.14 21.90
N THR B 173 -1.07 -23.12 22.25
CA THR B 173 -0.94 -22.45 23.52
C THR B 173 -2.17 -21.62 23.84
N PHE B 174 -2.39 -21.36 25.12
CA PHE B 174 -3.35 -20.37 25.54
C PHE B 174 -2.60 -19.07 25.79
N LEU B 175 -3.11 -17.97 25.27
CA LEU B 175 -2.54 -16.67 25.59
C LEU B 175 -3.54 -15.87 26.43
N SER B 176 -3.09 -14.75 26.97
CA SER B 176 -3.94 -13.91 27.78
C SER B 176 -3.62 -12.45 27.55
N ALA B 177 -4.62 -11.61 27.75
CA ALA B 177 -4.47 -10.19 27.57
C ALA B 177 -5.41 -9.47 28.50
N PRO B 178 -4.98 -8.31 28.99
CA PRO B 178 -5.83 -7.43 29.82
C PRO B 178 -6.75 -6.58 28.96
N LEU B 179 -7.45 -7.19 28.00
CA LEU B 179 -8.30 -6.46 27.08
C LEU B 179 -9.67 -7.11 26.99
N PRO B 180 -10.74 -6.30 26.89
CA PRO B 180 -12.05 -6.91 26.65
C PRO B 180 -12.14 -7.31 25.18
N THR B 181 -13.01 -8.26 24.87
CA THR B 181 -13.12 -8.75 23.53
C THR B 181 -13.51 -7.63 22.57
N TRP B 182 -14.39 -6.73 23.01
CA TRP B 182 -14.93 -5.72 22.11
C TRP B 182 -13.88 -4.76 21.55
N GLN B 183 -12.74 -4.71 22.23
CA GLN B 183 -11.64 -3.86 21.82
C GLN B 183 -10.78 -4.49 20.73
N LEU B 184 -10.94 -5.79 20.54
CA LEU B 184 -10.18 -6.53 19.52
C LEU B 184 -10.91 -6.70 18.21
N ILE B 185 -12.23 -6.50 18.23
CA ILE B 185 -13.06 -6.76 17.06
C ILE B 185 -12.62 -5.89 15.90
N GLY B 186 -12.37 -6.51 14.76
CA GLY B 186 -12.05 -5.72 13.59
C GLY B 186 -10.58 -5.45 13.40
N ARG B 187 -9.76 -5.86 14.36
CA ARG B 187 -8.31 -5.68 14.23
C ARG B 187 -7.70 -6.94 13.66
N SER B 188 -6.39 -6.95 13.48
CA SER B 188 -5.71 -8.09 12.89
C SER B 188 -5.00 -8.91 13.94
N PHE B 189 -5.14 -10.22 13.87
CA PHE B 189 -4.37 -11.11 14.70
C PHE B 189 -3.27 -11.65 13.77
N VAL B 190 -2.03 -11.52 14.20
CA VAL B 190 -0.89 -11.82 13.34
C VAL B 190 0.08 -12.74 14.07
N ILE B 191 0.49 -13.82 13.40
CA ILE B 191 1.52 -14.71 13.94
C ILE B 191 2.70 -14.76 12.95
N SER B 192 3.91 -14.59 13.46
CA SER B 192 5.07 -14.63 12.59
C SER B 192 6.34 -15.18 13.22
N LYS B 193 7.29 -15.56 12.36
CA LYS B 193 8.59 -15.98 12.80
C LYS B 193 9.60 -15.52 11.77
N SER B 194 10.79 -15.14 12.23
CA SER B 194 11.86 -14.82 11.31
C SER B 194 12.14 -16.04 10.45
N LEU B 195 12.28 -15.83 9.15
CA LEU B 195 12.68 -16.91 8.26
C LEU B 195 14.09 -17.38 8.63
N ASN B 196 14.32 -18.68 8.59
CA ASN B 196 15.68 -19.18 8.76
C ASN B 196 16.52 -18.77 7.56
N HIS B 197 15.92 -18.79 6.39
CA HIS B 197 16.64 -18.49 5.16
C HIS B 197 15.97 -17.39 4.37
N PRO B 198 16.14 -16.13 4.82
CA PRO B 198 15.59 -14.96 4.13
C PRO B 198 16.14 -14.83 2.71
N GLU B 199 17.37 -15.31 2.55
CA GLU B 199 18.07 -15.35 1.27
C GLU B 199 17.26 -15.98 0.14
N ASN B 200 16.78 -17.19 0.38
CA ASN B 200 16.06 -17.96 -0.62
C ASN B 200 14.69 -17.38 -0.97
N GLU B 201 14.26 -16.37 -0.22
CA GLU B 201 12.98 -15.73 -0.47
C GLU B 201 13.15 -14.45 -1.26
N PRO B 202 12.74 -14.50 -2.54
CA PRO B 202 12.94 -13.41 -3.50
C PRO B 202 12.27 -12.12 -3.05
N SER B 203 11.16 -12.28 -2.33
CA SER B 203 10.27 -11.18 -2.00
C SER B 203 10.91 -10.08 -1.12
N SER B 204 12.18 -10.25 -0.77
CA SER B 204 12.85 -9.37 0.17
C SER B 204 12.11 -9.38 1.52
N VAL B 205 11.38 -10.47 1.73
CA VAL B 205 10.61 -10.70 2.93
C VAL B 205 11.45 -11.43 3.98
N LYS B 206 11.42 -10.91 5.19
CA LYS B 206 12.26 -11.43 6.26
C LYS B 206 11.47 -12.36 7.19
N ASP B 207 10.14 -12.23 7.18
CA ASP B 207 9.29 -12.97 8.12
C ASP B 207 8.28 -13.92 7.46
N TYR B 208 8.00 -15.00 8.16
CA TYR B 208 6.93 -15.92 7.79
C TYR B 208 5.72 -15.57 8.64
N SER B 209 4.69 -15.02 8.01
CA SER B 209 3.54 -14.47 8.73
C SER B 209 2.23 -15.05 8.22
N PHE B 210 1.32 -15.31 9.15
CA PHE B 210 -0.07 -15.62 8.83
C PHE B 210 -1.00 -14.90 9.79
N LEU B 211 -2.14 -14.46 9.26
CA LEU B 211 -2.97 -13.49 9.97
C LEU B 211 -4.44 -13.56 9.56
N GLY B 212 -5.29 -12.92 10.35
CA GLY B 212 -6.69 -12.80 10.04
C GLY B 212 -7.39 -11.66 10.80
N VAL B 213 -8.45 -11.14 10.22
CA VAL B 213 -9.23 -10.15 10.94
C VAL B 213 -9.92 -10.82 12.13
N ILE B 214 -9.86 -10.17 13.29
CA ILE B 214 -10.54 -10.68 14.44
C ILE B 214 -12.04 -10.46 14.30
N ALA B 215 -12.79 -11.55 14.28
CA ALA B 215 -14.20 -11.53 13.90
C ALA B 215 -15.11 -11.84 15.08
N ARG B 216 -16.27 -11.19 15.10
CA ARG B 216 -17.28 -11.51 16.09
C ARG B 216 -17.68 -12.94 15.87
N SER B 217 -17.89 -13.65 16.98
CA SER B 217 -18.27 -15.05 16.93
C SER B 217 -19.28 -15.35 18.01
N ALA B 218 -20.17 -16.29 17.74
CA ALA B 218 -21.13 -16.73 18.76
C ALA B 218 -20.41 -17.49 19.87
N GLY B 219 -19.26 -18.08 19.52
CA GLY B 219 -18.46 -18.81 20.48
C GLY B 219 -19.00 -20.20 20.79
N VAL B 220 -19.88 -20.69 19.91
CA VAL B 220 -20.36 -22.07 20.01
C VAL B 220 -19.55 -22.98 19.11
N TRP B 221 -18.33 -23.27 19.53
CA TRP B 221 -17.41 -24.06 18.72
C TRP B 221 -17.52 -25.52 19.11
N GLU B 222 -17.25 -26.38 18.14
CA GLU B 222 -17.31 -27.82 18.33
C GLU B 222 -15.96 -28.29 18.85
N ASN B 223 -15.85 -29.57 19.15
CA ASN B 223 -14.65 -30.12 19.77
C ASN B 223 -13.37 -29.95 18.93
N ASN B 224 -13.38 -30.45 17.69
CA ASN B 224 -12.23 -30.31 16.80
C ASN B 224 -12.07 -28.88 16.28
N LYS B 225 -10.85 -28.37 16.35
CA LYS B 225 -10.58 -27.01 15.95
C LYS B 225 -10.26 -26.95 14.46
N GLN B 226 -11.27 -26.70 13.64
CA GLN B 226 -11.11 -26.83 12.20
C GLN B 226 -11.63 -25.64 11.43
N VAL B 227 -11.24 -25.57 10.15
CA VAL B 227 -11.66 -24.50 9.27
C VAL B 227 -12.14 -25.06 7.95
N CYS B 228 -13.35 -24.68 7.56
CA CYS B 228 -13.96 -25.14 6.35
C CYS B 228 -13.93 -24.09 5.23
N ALA B 229 -13.97 -24.55 3.99
CA ALA B 229 -14.09 -23.66 2.82
C ALA B 229 -15.50 -23.10 2.73
N CYS B 230 -15.72 -22.08 1.89
CA CYS B 230 -17.09 -21.59 1.62
C CYS B 230 -18.05 -22.73 1.24
N THR B 231 -17.50 -23.76 0.59
CA THR B 231 -18.22 -25.01 0.31
C THR B 231 -18.78 -25.68 1.54
N GLY B 232 -17.95 -25.82 2.56
CA GLY B 232 -18.26 -26.62 3.73
C GLY B 232 -17.25 -27.73 3.94
N LYS B 233 -16.48 -28.05 2.89
CA LYS B 233 -15.39 -29.01 2.99
C LYS B 233 -14.36 -28.54 4.04
N THR B 234 -13.82 -29.47 4.80
CA THR B 234 -12.78 -29.15 5.79
C THR B 234 -11.45 -28.97 5.11
N VAL B 235 -10.83 -27.80 5.26
CA VAL B 235 -9.58 -27.51 4.55
C VAL B 235 -8.37 -27.44 5.50
N TRP B 236 -8.63 -27.43 6.80
CA TRP B 236 -7.58 -27.35 7.81
C TRP B 236 -8.15 -27.72 9.18
N ALA B 237 -7.29 -28.25 10.04
CA ALA B 237 -7.66 -28.58 11.40
C ALA B 237 -6.46 -28.46 12.31
N ALA B 238 -6.70 -28.26 13.59
CA ALA B 238 -5.64 -28.29 14.58
C ALA B 238 -5.02 -29.68 14.60
N ALA B 239 -3.77 -29.77 15.04
CA ALA B 239 -3.08 -31.04 15.16
C ALA B 239 -3.63 -31.90 16.30
N LYS B 240 -3.57 -33.22 16.14
CA LYS B 240 -4.06 -34.15 17.15
C LYS B 240 -3.20 -34.13 18.40
N ALA C 1 9.79 -5.23 -15.02
CA ALA C 1 9.05 -4.33 -14.13
C ALA C 1 7.56 -4.67 -14.19
N THR C 2 6.97 -5.00 -13.06
CA THR C 2 5.63 -5.56 -13.06
C THR C 2 4.69 -4.65 -12.27
N LYS C 3 5.26 -3.85 -11.37
CA LYS C 3 4.46 -2.90 -10.61
C LYS C 3 5.09 -1.52 -10.53
N ALA C 4 4.26 -0.50 -10.64
CA ALA C 4 4.73 0.87 -10.50
C ALA C 4 3.80 1.67 -9.60
N VAL C 5 4.27 2.81 -9.12
CA VAL C 5 3.41 3.65 -8.28
C VAL C 5 3.73 5.12 -8.53
N CYS C 6 2.74 5.98 -8.36
CA CYS C 6 2.95 7.41 -8.51
C CYS C 6 2.28 8.20 -7.38
N VAL C 7 3.04 9.05 -6.71
CA VAL C 7 2.45 9.93 -5.70
C VAL C 7 2.08 11.28 -6.29
N LEU C 8 0.79 11.53 -6.45
CA LEU C 8 0.30 12.79 -6.97
C LEU C 8 0.18 13.84 -5.89
N LYS C 9 0.89 14.93 -6.07
CA LYS C 9 0.66 16.08 -5.23
C LYS C 9 0.84 17.38 -5.99
N GLY C 10 0.24 18.43 -5.45
CA GLY C 10 0.29 19.74 -6.06
C GLY C 10 0.30 20.82 -5.00
N ASP C 11 0.08 22.06 -5.43
CA ASP C 11 0.14 23.19 -4.53
C ASP C 11 -1.13 23.33 -3.72
N GLY C 12 -2.18 22.62 -4.12
CA GLY C 12 -3.48 22.78 -3.50
C GLY C 12 -3.91 21.53 -2.79
N PRO C 13 -5.23 21.34 -2.69
CA PRO C 13 -5.89 20.20 -2.04
C PRO C 13 -5.77 18.85 -2.78
N VAL C 14 -5.48 18.89 -4.08
CA VAL C 14 -5.41 17.67 -4.90
C VAL C 14 -4.18 16.84 -4.55
N GLN C 15 -4.44 15.58 -4.22
CA GLN C 15 -3.39 14.64 -3.89
C GLN C 15 -3.92 13.23 -4.05
N GLY C 16 -3.02 12.31 -4.31
CA GLY C 16 -3.41 10.94 -4.55
C GLY C 16 -2.23 10.01 -4.71
N ILE C 17 -2.50 8.71 -4.64
CA ILE C 17 -1.48 7.73 -4.96
C ILE C 17 -2.06 6.88 -6.07
N ILE C 18 -1.30 6.66 -7.13
CA ILE C 18 -1.79 5.84 -8.24
C ILE C 18 -0.91 4.64 -8.42
N ASN C 19 -1.53 3.48 -8.52
CA ASN C 19 -0.80 2.24 -8.74
C ASN C 19 -0.92 1.73 -10.17
N PHE C 20 0.14 1.07 -10.62
CA PHE C 20 0.20 0.44 -11.92
C PHE C 20 0.61 -1.01 -11.76
N GLU C 21 -0.03 -1.88 -12.52
CA GLU C 21 0.29 -3.29 -12.46
C GLU C 21 0.20 -3.90 -13.85
N GLN C 22 1.28 -4.58 -14.23
CA GLN C 22 1.29 -5.26 -15.51
C GLN C 22 1.86 -6.66 -15.29
N LYS C 23 0.94 -7.62 -15.19
CA LYS C 23 1.28 -9.00 -14.84
C LYS C 23 2.09 -9.68 -15.94
N GLU C 24 1.57 -9.60 -17.16
CA GLU C 24 2.23 -10.20 -18.31
C GLU C 24 3.05 -9.14 -19.05
N SER C 25 4.23 -9.51 -19.53
CA SER C 25 5.15 -8.55 -20.16
C SER C 25 4.52 -7.78 -21.33
N ASN C 26 3.55 -8.39 -22.00
CA ASN C 26 2.75 -7.69 -23.01
C ASN C 26 1.25 -7.76 -22.71
N GLY C 27 0.91 -7.73 -21.43
CA GLY C 27 -0.49 -7.62 -21.03
C GLY C 27 -0.89 -6.16 -20.87
N PRO C 28 -2.17 -5.91 -20.59
CA PRO C 28 -2.58 -4.52 -20.37
C PRO C 28 -2.02 -4.01 -19.05
N VAL C 29 -2.02 -2.70 -18.85
CA VAL C 29 -1.61 -2.16 -17.57
C VAL C 29 -2.86 -1.82 -16.78
N LYS C 30 -2.92 -2.36 -15.57
CA LYS C 30 -4.03 -2.04 -14.69
C LYS C 30 -3.63 -0.74 -13.93
N VAL C 31 -4.56 0.22 -13.82
CA VAL C 31 -4.22 1.51 -13.23
C VAL C 31 -5.28 1.89 -12.21
N TRP C 32 -4.92 1.92 -10.93
CA TRP C 32 -5.96 2.22 -9.94
C TRP C 32 -5.45 3.01 -8.75
N GLY C 33 -6.39 3.70 -8.11
CA GLY C 33 -6.07 4.46 -6.93
C GLY C 33 -7.07 5.54 -6.66
N SER C 34 -6.72 6.48 -5.82
CA SER C 34 -7.70 7.45 -5.47
C SER C 34 -7.09 8.84 -5.54
N ILE C 35 -7.88 9.80 -6.00
CA ILE C 35 -7.44 11.20 -5.96
C ILE C 35 -8.51 12.03 -5.25
N LYS C 36 -8.08 12.83 -4.28
CA LYS C 36 -9.03 13.64 -3.54
C LYS C 36 -8.70 15.09 -3.76
N GLY C 37 -9.64 15.96 -3.40
CA GLY C 37 -9.45 17.39 -3.51
C GLY C 37 -9.86 17.92 -4.87
N LEU C 38 -10.60 17.11 -5.62
CA LEU C 38 -11.03 17.51 -6.94
C LEU C 38 -12.39 18.16 -6.85
N THR C 39 -12.73 18.98 -7.82
CA THR C 39 -14.11 19.44 -7.93
C THR C 39 -14.88 18.31 -8.59
N GLU C 40 -16.18 18.26 -8.33
CA GLU C 40 -16.99 17.21 -8.92
C GLU C 40 -16.82 17.29 -10.44
N GLY C 41 -16.89 16.14 -11.12
CA GLY C 41 -16.78 16.15 -12.57
C GLY C 41 -15.58 15.44 -13.19
N LEU C 42 -15.31 15.77 -14.45
CA LEU C 42 -14.24 15.12 -15.20
C LEU C 42 -12.94 15.89 -15.16
N HIS C 43 -11.85 15.16 -14.97
CA HIS C 43 -10.52 15.73 -14.95
C HIS C 43 -9.59 14.97 -15.88
N GLY C 44 -8.90 15.71 -16.76
CA GLY C 44 -7.89 15.13 -17.62
C GLY C 44 -6.75 14.45 -16.87
N PHE C 45 -6.33 13.31 -17.41
CA PHE C 45 -5.44 12.38 -16.73
C PHE C 45 -4.52 11.75 -17.79
N ARG C 46 -3.23 12.05 -17.75
CA ARG C 46 -2.35 11.61 -18.81
C ARG C 46 -0.92 11.53 -18.32
N VAL C 47 -0.08 10.92 -19.15
CA VAL C 47 1.35 10.78 -18.88
C VAL C 47 2.17 11.64 -19.84
N GLN C 48 3.17 12.35 -19.32
CA GLN C 48 4.05 13.18 -20.13
C GLN C 48 5.27 12.43 -20.62
N GLU C 49 5.98 13.04 -21.58
CA GLU C 49 7.16 12.44 -22.17
C GLU C 49 8.25 12.25 -21.11
N PHE C 50 8.47 13.26 -20.29
CA PHE C 50 9.51 13.17 -19.27
C PHE C 50 8.87 13.19 -17.89
N GLY C 51 9.68 12.96 -16.88
CA GLY C 51 9.22 13.06 -15.50
C GLY C 51 9.85 14.20 -14.75
N ASP C 52 10.65 14.96 -15.49
CA ASP C 52 11.37 16.12 -15.01
C ASP C 52 10.40 17.28 -14.68
N ASN C 53 10.24 17.58 -13.41
CA ASN C 53 9.27 18.57 -12.95
C ASN C 53 9.91 19.85 -12.37
N THR C 54 11.15 20.12 -12.80
CA THR C 54 11.87 21.30 -12.36
C THR C 54 11.27 22.58 -12.91
N ALA C 55 10.76 22.52 -14.14
CA ALA C 55 10.21 23.71 -14.81
C ALA C 55 8.76 23.56 -15.24
N GLY C 56 7.97 22.79 -14.50
CA GLY C 56 6.58 22.64 -14.89
C GLY C 56 6.40 22.04 -16.27
N CYS C 57 5.46 22.59 -17.02
CA CYS C 57 5.07 22.08 -18.32
C CYS C 57 6.23 21.91 -19.28
N THR C 58 7.16 22.84 -19.20
CA THR C 58 8.28 22.90 -20.13
C THR C 58 9.28 21.76 -19.91
N SER C 59 9.55 21.37 -18.67
CA SER C 59 10.57 20.34 -18.44
C SER C 59 10.02 18.92 -18.63
N ALA C 60 8.72 18.74 -18.41
CA ALA C 60 8.09 17.42 -18.51
C ALA C 60 7.72 17.03 -19.95
N GLY C 61 7.78 18.00 -20.86
CA GLY C 61 7.49 17.76 -22.27
C GLY C 61 6.01 17.65 -22.58
N PRO C 62 5.68 17.42 -23.86
CA PRO C 62 4.27 17.19 -24.28
C PRO C 62 3.78 15.82 -23.79
N HIS C 63 2.53 15.45 -24.07
CA HIS C 63 2.08 14.08 -23.77
C HIS C 63 3.02 13.02 -24.35
N PHE C 64 3.23 11.93 -23.61
CA PHE C 64 4.08 10.83 -24.09
C PHE C 64 3.57 10.34 -25.43
N ASN C 65 4.40 10.47 -26.45
CA ASN C 65 3.94 10.29 -27.82
C ASN C 65 4.97 9.66 -28.76
N PRO C 66 5.43 8.44 -28.44
CA PRO C 66 6.50 7.83 -29.26
C PRO C 66 6.03 7.43 -30.68
N LEU C 67 4.74 7.33 -30.90
CA LEU C 67 4.23 7.01 -32.23
C LEU C 67 3.82 8.24 -33.04
N SER C 68 4.08 9.43 -32.48
CA SER C 68 3.84 10.69 -33.16
C SER C 68 2.42 10.90 -33.68
N ARG C 69 1.45 10.77 -32.80
CA ARG C 69 0.08 10.95 -33.18
C ARG C 69 -0.45 12.27 -32.63
N LYS C 70 -1.70 12.53 -32.95
CA LYS C 70 -2.39 13.62 -32.31
C LYS C 70 -3.06 13.10 -31.06
N HIS C 71 -3.44 14.04 -30.20
CA HIS C 71 -4.10 13.73 -28.94
C HIS C 71 -5.49 13.11 -29.14
N GLY C 72 -5.86 12.15 -28.31
CA GLY C 72 -7.19 11.60 -28.39
C GLY C 72 -7.59 10.99 -27.06
N GLY C 73 -8.82 10.50 -26.98
CA GLY C 73 -9.25 9.74 -25.83
C GLY C 73 -8.64 8.34 -25.83
N PRO C 74 -8.69 7.65 -24.68
CA PRO C 74 -7.99 6.35 -24.59
C PRO C 74 -8.57 5.32 -25.56
N LYS C 75 -9.84 5.42 -25.90
CA LYS C 75 -10.47 4.43 -26.76
C LYS C 75 -10.21 4.70 -28.23
N ASP C 76 -9.65 5.85 -28.56
CA ASP C 76 -9.50 6.23 -29.98
C ASP C 76 -8.30 5.60 -30.62
N GLU C 77 -8.40 5.34 -31.91
CA GLU C 77 -7.22 4.87 -32.66
C GLU C 77 -6.12 5.93 -32.73
N GLU C 78 -6.49 7.19 -32.96
CA GLU C 78 -5.49 8.25 -32.91
C GLU C 78 -5.41 8.90 -31.51
N ARG C 79 -4.29 8.66 -30.83
CA ARG C 79 -4.08 9.13 -29.47
C ARG C 79 -2.61 9.04 -29.16
N HIS C 80 -2.18 9.83 -28.19
CA HIS C 80 -0.82 9.70 -27.69
C HIS C 80 -0.79 8.45 -26.81
N VAL C 81 0.37 7.81 -26.71
CA VAL C 81 0.51 6.71 -25.78
C VAL C 81 0.15 7.15 -24.33
N GLY C 82 0.52 8.36 -23.94
CA GLY C 82 0.19 8.85 -22.60
C GLY C 82 -1.27 9.26 -22.35
N ASP C 83 -2.15 9.15 -23.34
CA ASP C 83 -3.51 9.66 -23.16
C ASP C 83 -4.35 8.65 -22.38
N LEU C 84 -4.71 8.99 -21.14
CA LEU C 84 -5.48 8.10 -20.29
C LEU C 84 -6.88 8.63 -20.00
N GLY C 85 -7.32 9.61 -20.78
CA GLY C 85 -8.68 10.13 -20.69
C GLY C 85 -8.98 11.04 -19.50
N ASN C 86 -10.14 10.82 -18.90
CA ASN C 86 -10.64 11.59 -17.77
C ASN C 86 -10.85 10.69 -16.56
N VAL C 87 -10.50 11.17 -15.37
CA VAL C 87 -10.94 10.48 -14.15
C VAL C 87 -12.13 11.28 -13.63
N THR C 88 -13.06 10.62 -12.93
CA THR C 88 -14.28 11.29 -12.50
C THR C 88 -14.34 11.45 -10.99
N ALA C 89 -14.48 12.69 -10.54
CA ALA C 89 -14.59 12.98 -9.10
C ALA C 89 -16.05 12.97 -8.65
N ASP C 90 -16.34 12.28 -7.54
CA ASP C 90 -17.72 12.24 -7.01
C ASP C 90 -18.07 13.54 -6.25
N LYS C 91 -19.23 13.58 -5.60
CA LYS C 91 -19.66 14.82 -4.92
C LYS C 91 -18.67 15.27 -3.83
N ASP C 92 -17.88 14.35 -3.29
CA ASP C 92 -16.97 14.71 -2.20
C ASP C 92 -15.58 15.06 -2.71
N GLY C 93 -15.46 15.19 -4.02
CA GLY C 93 -14.19 15.57 -4.61
C GLY C 93 -13.22 14.41 -4.68
N VAL C 94 -13.74 13.21 -4.65
CA VAL C 94 -12.86 12.04 -4.72
C VAL C 94 -13.05 11.31 -6.03
N ALA C 95 -11.93 11.16 -6.73
CA ALA C 95 -11.90 10.38 -7.96
C ALA C 95 -11.31 9.03 -7.63
N ASP C 96 -12.14 8.01 -7.76
CA ASP C 96 -11.66 6.66 -7.56
C ASP C 96 -11.29 6.12 -8.95
N VAL C 97 -10.00 5.92 -9.17
CA VAL C 97 -9.48 5.62 -10.51
C VAL C 97 -9.37 4.13 -10.76
N SER C 98 -10.05 3.64 -11.80
CA SER C 98 -9.94 2.24 -12.22
C SER C 98 -9.90 2.14 -13.75
N ILE C 99 -8.71 1.88 -14.27
CA ILE C 99 -8.44 1.93 -15.70
C ILE C 99 -7.68 0.68 -16.16
N GLU C 100 -8.07 0.16 -17.32
CA GLU C 100 -7.25 -0.81 -18.03
C GLU C 100 -6.83 -0.18 -19.34
N ASP C 101 -5.54 -0.24 -19.64
CA ASP C 101 -5.06 0.31 -20.91
C ASP C 101 -4.10 -0.64 -21.60
N SER C 102 -4.23 -0.76 -22.91
CA SER C 102 -3.43 -1.71 -23.67
C SER C 102 -2.21 -1.05 -24.31
N VAL C 103 -2.13 0.27 -24.22
CA VAL C 103 -1.12 1.02 -24.99
C VAL C 103 0.12 1.37 -24.17
N ILE C 104 -0.11 1.76 -22.93
CA ILE C 104 1.01 2.00 -22.02
C ILE C 104 1.61 0.68 -21.64
N SER C 105 2.78 0.74 -21.02
CA SER C 105 3.49 -0.45 -20.60
C SER C 105 4.40 -0.11 -19.38
N LEU C 106 4.85 -1.13 -18.65
CA LEU C 106 5.82 -0.88 -17.57
C LEU C 106 7.22 -1.31 -17.97
N SER C 107 7.38 -1.51 -19.28
CA SER C 107 8.65 -1.87 -19.90
C SER C 107 8.56 -1.59 -21.39
N GLY C 108 9.70 -1.52 -22.05
CA GLY C 108 9.76 -1.39 -23.51
C GLY C 108 9.55 0.02 -24.05
N ASP C 109 9.19 0.10 -25.32
CA ASP C 109 9.12 1.38 -26.02
C ASP C 109 8.03 2.30 -25.49
N HIS C 110 7.01 1.71 -24.88
CA HIS C 110 5.88 2.40 -24.30
C HIS C 110 5.95 2.47 -22.80
N CYS C 111 7.15 2.24 -22.26
CA CYS C 111 7.36 2.23 -20.80
C CYS C 111 7.06 3.63 -20.22
N ILE C 112 6.19 3.68 -19.23
CA ILE C 112 5.82 4.97 -18.63
C ILE C 112 6.59 5.25 -17.32
N ILE C 113 7.40 4.29 -16.86
CA ILE C 113 8.15 4.50 -15.64
C ILE C 113 9.13 5.65 -15.85
N GLY C 114 9.20 6.52 -14.85
CA GLY C 114 10.10 7.65 -14.89
C GLY C 114 9.48 8.83 -15.63
N ARG C 115 8.18 8.76 -15.89
CA ARG C 115 7.52 9.84 -16.59
C ARG C 115 6.50 10.44 -15.64
N THR C 116 6.13 11.69 -15.88
CA THR C 116 5.18 12.36 -15.02
C THR C 116 3.77 12.02 -15.34
N LEU C 117 3.03 11.64 -14.29
CA LEU C 117 1.59 11.50 -14.37
C LEU C 117 0.91 12.80 -13.93
N VAL C 118 -0.09 13.26 -14.68
CA VAL C 118 -0.75 14.52 -14.36
C VAL C 118 -2.27 14.39 -14.35
N VAL C 119 -2.90 15.07 -13.41
CA VAL C 119 -4.36 15.20 -13.38
C VAL C 119 -4.64 16.70 -13.46
N HIS C 120 -5.62 17.09 -14.29
CA HIS C 120 -5.82 18.48 -14.63
C HIS C 120 -7.09 19.02 -13.99
N GLU C 121 -7.22 20.34 -13.96
CA GLU C 121 -8.37 20.98 -13.36
C GLU C 121 -9.68 20.71 -14.10
N LYS C 122 -9.64 20.69 -15.43
CA LYS C 122 -10.85 20.51 -16.23
C LYS C 122 -10.79 19.23 -17.08
N ALA C 123 -11.92 18.90 -17.70
CA ALA C 123 -12.01 17.72 -18.52
C ALA C 123 -11.16 17.76 -19.79
N ASP C 124 -10.64 16.58 -20.15
CA ASP C 124 -10.01 16.32 -21.46
C ASP C 124 -11.10 16.21 -22.54
N ASP C 125 -11.00 17.02 -23.61
CA ASP C 125 -12.06 16.99 -24.64
C ASP C 125 -11.79 15.90 -25.70
N LEU C 126 -10.74 15.11 -25.44
CA LEU C 126 -10.43 13.88 -26.20
C LEU C 126 -10.04 14.17 -27.65
N GLY C 127 -9.47 15.35 -27.88
CA GLY C 127 -8.93 15.70 -29.16
C GLY C 127 -9.93 15.97 -30.26
N LYS C 128 -11.21 16.08 -29.92
CA LYS C 128 -12.22 16.24 -30.96
C LYS C 128 -12.62 17.68 -31.28
N GLY C 129 -11.99 18.66 -30.62
CA GLY C 129 -12.35 20.05 -30.85
C GLY C 129 -11.71 20.66 -32.08
N GLY C 130 -12.33 21.72 -32.57
CA GLY C 130 -11.90 22.40 -33.77
C GLY C 130 -10.86 23.49 -33.56
N ASN C 131 -9.80 23.14 -32.83
CA ASN C 131 -8.64 24.00 -32.62
C ASN C 131 -7.40 23.12 -32.46
N GLU C 132 -6.22 23.68 -32.65
CA GLU C 132 -5.04 22.85 -32.55
C GLU C 132 -4.83 22.36 -31.10
N GLU C 133 -5.23 23.16 -30.12
CA GLU C 133 -5.01 22.80 -28.72
C GLU C 133 -5.69 21.49 -28.32
N SER C 134 -6.86 21.27 -28.89
CA SER C 134 -7.57 20.02 -28.68
C SER C 134 -6.70 18.87 -29.13
N THR C 135 -5.97 19.05 -30.23
CA THR C 135 -5.22 17.95 -30.78
C THR C 135 -3.87 17.79 -30.12
N LYS C 136 -3.57 18.68 -29.17
CA LYS C 136 -2.31 18.59 -28.46
C LYS C 136 -2.49 18.14 -27.01
N THR C 137 -3.43 18.77 -26.30
CA THR C 137 -3.64 18.50 -24.88
C THR C 137 -5.06 18.21 -24.47
N GLY C 138 -6.00 18.35 -25.39
CA GLY C 138 -7.37 18.13 -25.03
C GLY C 138 -8.00 19.23 -24.17
N ASN C 139 -7.32 20.39 -24.06
CA ASN C 139 -7.88 21.57 -23.39
C ASN C 139 -8.28 21.34 -21.93
N ALA C 140 -7.51 20.52 -21.22
CA ALA C 140 -7.87 20.10 -19.89
C ALA C 140 -7.48 21.15 -18.86
N GLY C 141 -6.94 22.27 -19.34
CA GLY C 141 -6.66 23.35 -18.44
C GLY C 141 -5.44 23.07 -17.59
N SER C 142 -5.38 23.66 -16.40
CA SER C 142 -4.13 23.64 -15.65
C SER C 142 -3.92 22.35 -14.86
N ARG C 143 -2.66 22.05 -14.59
CA ARG C 143 -2.27 20.86 -13.84
C ARG C 143 -2.58 21.09 -12.36
N LEU C 144 -3.37 20.22 -11.72
CA LEU C 144 -3.59 20.39 -10.29
C LEU C 144 -2.59 19.60 -9.46
N ALA C 145 -2.19 18.44 -9.98
CA ALA C 145 -1.27 17.59 -9.26
C ALA C 145 -0.49 16.72 -10.22
N CYS C 146 0.73 16.40 -9.84
CA CYS C 146 1.52 15.57 -10.69
C CYS C 146 2.49 14.73 -9.85
N GLY C 147 3.08 13.70 -10.46
CA GLY C 147 4.11 12.92 -9.80
C GLY C 147 4.93 12.10 -10.77
N VAL C 148 6.09 11.62 -10.35
CA VAL C 148 6.87 10.75 -11.20
C VAL C 148 6.47 9.30 -10.94
N ILE C 149 6.25 8.55 -12.01
CA ILE C 149 5.89 7.14 -11.93
C ILE C 149 7.13 6.35 -11.56
N GLY C 150 7.09 5.64 -10.43
CA GLY C 150 8.25 4.88 -9.99
C GLY C 150 8.08 3.37 -9.89
N ILE C 151 9.19 2.64 -9.82
CA ILE C 151 9.13 1.19 -9.62
C ILE C 151 8.52 0.83 -8.26
N ALA C 152 7.49 -0.02 -8.26
CA ALA C 152 6.88 -0.41 -7.00
C ALA C 152 7.24 -1.82 -6.62
N GLN C 153 7.74 -2.59 -7.59
CA GLN C 153 8.26 -3.98 -7.49
C GLN C 153 8.19 -4.73 -8.83
N THR D 5 38.53 7.16 -18.22
CA THR D 5 38.19 8.13 -19.26
C THR D 5 36.66 8.24 -19.49
N TYR D 6 36.19 9.47 -19.69
CA TYR D 6 34.76 9.75 -19.90
C TYR D 6 34.53 10.83 -20.98
N GLU D 7 33.27 11.13 -21.29
CA GLU D 7 32.95 12.29 -22.13
C GLU D 7 31.67 13.00 -21.68
N ALA D 8 31.74 14.32 -21.49
CA ALA D 8 30.57 15.09 -21.04
C ALA D 8 30.29 16.33 -21.89
N THR D 9 29.06 16.80 -21.83
CA THR D 9 28.62 18.00 -22.56
C THR D 9 28.29 19.13 -21.57
N TYR D 10 28.83 20.32 -21.84
CA TYR D 10 28.61 21.46 -20.93
C TYR D 10 27.85 22.61 -21.59
N ALA D 11 27.00 23.29 -20.82
CA ALA D 11 26.36 24.50 -21.32
C ALA D 11 27.08 25.74 -20.83
N ILE D 12 27.42 26.63 -21.76
CA ILE D 12 28.10 27.90 -21.44
C ILE D 12 27.41 29.05 -22.14
N PRO D 13 27.13 30.14 -21.42
CA PRO D 13 26.54 31.29 -22.10
C PRO D 13 27.54 31.98 -23.05
N CYS D 16 28.87 35.61 -27.99
CA CYS D 16 29.20 35.76 -29.39
C CYS D 16 30.47 34.97 -29.72
N GLU D 17 31.12 35.29 -30.84
CA GLU D 17 32.29 34.53 -31.30
C GLU D 17 33.57 34.88 -30.54
N ASN D 18 33.55 36.00 -29.82
CA ASN D 18 34.66 36.35 -28.93
C ASN D 18 34.66 35.42 -27.73
N CYS D 19 33.49 34.91 -27.39
CA CYS D 19 33.37 33.95 -26.31
C CYS D 19 33.87 32.55 -26.66
N VAL D 20 33.62 32.11 -27.89
CA VAL D 20 33.84 30.70 -28.27
C VAL D 20 35.26 30.14 -28.11
N ASN D 21 36.23 30.75 -28.78
CA ASN D 21 37.60 30.27 -28.69
C ASN D 21 38.31 30.80 -27.45
N ASP D 22 37.70 31.80 -26.80
CA ASP D 22 38.15 32.28 -25.49
C ASP D 22 38.17 31.11 -24.53
N ILE D 23 37.23 30.19 -24.72
CA ILE D 23 37.07 29.02 -23.87
C ILE D 23 38.10 27.94 -24.20
N LYS D 24 38.24 27.65 -25.50
CA LYS D 24 39.20 26.68 -25.97
C LYS D 24 40.58 27.11 -25.48
N ALA D 25 40.80 28.42 -25.49
CA ALA D 25 41.97 29.03 -24.88
C ALA D 25 42.07 28.56 -23.44
N CYS D 26 41.01 28.85 -22.70
CA CYS D 26 40.97 28.62 -21.27
C CYS D 26 41.29 27.17 -20.86
N LEU D 27 41.01 26.22 -21.75
CA LEU D 27 41.12 24.80 -21.41
C LEU D 27 42.43 24.11 -21.81
N LYS D 28 43.15 24.69 -22.77
CA LYS D 28 44.24 23.95 -23.43
C LYS D 28 45.39 23.55 -22.50
N ASN D 29 45.63 24.35 -21.45
CA ASN D 29 46.77 24.13 -20.58
C ASN D 29 46.59 22.97 -19.60
N VAL D 30 45.44 22.28 -19.70
CA VAL D 30 45.08 21.19 -18.80
C VAL D 30 45.45 19.79 -19.28
N PRO D 31 46.17 19.02 -18.45
CA PRO D 31 46.48 17.65 -18.83
C PRO D 31 45.29 16.75 -18.54
N GLY D 32 45.23 15.59 -19.17
CA GLY D 32 44.09 14.70 -18.98
C GLY D 32 42.91 15.00 -19.89
N ILE D 33 42.90 16.18 -20.50
CA ILE D 33 41.89 16.52 -21.51
C ILE D 33 42.36 16.06 -22.88
N ASN D 34 41.57 15.20 -23.52
CA ASN D 34 41.93 14.62 -24.81
C ASN D 34 41.48 15.41 -26.02
N SER D 35 40.25 15.89 -26.00
CA SER D 35 39.71 16.62 -27.16
C SER D 35 38.56 17.53 -26.75
N LEU D 36 38.25 18.48 -27.62
CA LEU D 36 37.18 19.43 -27.40
C LEU D 36 36.40 19.71 -28.69
N ASN D 37 35.07 19.63 -28.62
CA ASN D 37 34.21 20.01 -29.75
C ASN D 37 33.21 21.09 -29.37
N PHE D 38 32.81 21.89 -30.35
CA PHE D 38 31.97 23.04 -30.06
C PHE D 38 30.77 23.09 -30.98
N ASP D 39 29.63 23.47 -30.42
CA ASP D 39 28.39 23.62 -31.15
C ASP D 39 27.80 24.95 -30.70
N ILE D 40 28.14 26.01 -31.43
CA ILE D 40 27.88 27.36 -30.95
C ILE D 40 26.41 27.76 -31.01
N GLU D 41 25.63 27.08 -31.83
CA GLU D 41 24.18 27.30 -31.89
C GLU D 41 23.50 26.85 -30.61
N GLN D 42 23.71 25.60 -30.24
CA GLN D 42 23.13 25.03 -29.02
C GLN D 42 23.87 25.52 -27.76
N GLN D 43 24.94 26.29 -27.96
CA GLN D 43 25.77 26.80 -26.86
C GLN D 43 26.26 25.70 -25.95
N ILE D 44 26.82 24.64 -26.54
CA ILE D 44 27.33 23.54 -25.75
C ILE D 44 28.77 23.25 -26.13
N MET D 45 29.36 22.31 -25.40
CA MET D 45 30.74 21.92 -25.63
C MET D 45 30.96 20.48 -25.15
N SER D 46 31.50 19.63 -26.01
CA SER D 46 31.76 18.25 -25.64
C SER D 46 33.19 18.10 -25.13
N VAL D 47 33.38 17.37 -24.03
CA VAL D 47 34.71 17.22 -23.42
C VAL D 47 35.06 15.79 -23.02
N GLU D 48 36.07 15.22 -23.68
CA GLU D 48 36.57 13.91 -23.32
C GLU D 48 37.79 14.07 -22.42
N SER D 49 37.75 13.51 -21.22
CA SER D 49 38.85 13.71 -20.27
C SER D 49 38.88 12.65 -19.19
N SER D 50 39.99 12.62 -18.45
CA SER D 50 40.12 11.80 -17.25
C SER D 50 40.17 12.68 -16.02
N VAL D 51 39.87 13.96 -16.22
CA VAL D 51 39.89 14.92 -15.14
C VAL D 51 38.46 15.09 -14.65
N ALA D 52 38.31 15.29 -13.35
CA ALA D 52 37.01 15.50 -12.74
C ALA D 52 36.28 16.63 -13.46
N PRO D 53 34.95 16.50 -13.61
CA PRO D 53 34.13 17.53 -14.27
C PRO D 53 34.18 18.85 -13.50
N SER D 54 34.38 18.77 -12.19
CA SER D 54 34.56 19.95 -11.34
C SER D 54 35.82 20.74 -11.73
N THR D 55 36.80 20.09 -12.36
CA THR D 55 37.95 20.80 -12.89
C THR D 55 37.59 21.60 -14.14
N ILE D 56 36.94 20.95 -15.10
CA ILE D 56 36.45 21.62 -16.31
C ILE D 56 35.63 22.84 -15.95
N ILE D 57 34.73 22.65 -14.99
CA ILE D 57 33.80 23.67 -14.55
C ILE D 57 34.52 24.73 -13.71
N ASN D 58 35.48 24.30 -12.88
CA ASN D 58 36.24 25.23 -12.04
C ASN D 58 37.13 26.09 -12.92
N THR D 59 37.72 25.45 -13.93
CA THR D 59 38.53 26.15 -14.92
C THR D 59 37.72 27.26 -15.57
N LEU D 60 36.49 26.94 -15.96
CA LEU D 60 35.62 27.93 -16.57
C LEU D 60 35.17 29.01 -15.59
N ARG D 61 34.94 28.65 -14.33
CA ARG D 61 34.60 29.65 -13.32
C ARG D 61 35.77 30.62 -13.10
N ASN D 62 36.99 30.10 -13.19
CA ASN D 62 38.18 30.93 -13.03
C ASN D 62 38.42 31.83 -14.24
N CYS D 63 37.60 31.64 -15.27
CA CYS D 63 37.59 32.51 -16.43
C CYS D 63 36.30 33.31 -16.51
N GLY D 64 35.64 33.48 -15.37
CA GLY D 64 34.41 34.25 -15.30
C GLY D 64 33.33 33.74 -16.23
N LYS D 65 33.26 32.41 -16.34
CA LYS D 65 32.32 31.77 -17.24
C LYS D 65 31.69 30.56 -16.56
N ASP D 66 30.49 30.75 -16.04
CA ASP D 66 29.74 29.70 -15.37
C ASP D 66 29.18 28.69 -16.36
N ALA D 67 29.53 27.43 -16.16
CA ALA D 67 29.13 26.38 -17.08
C ALA D 67 28.52 25.24 -16.28
N ILE D 68 27.42 24.71 -16.80
CA ILE D 68 26.75 23.60 -16.14
C ILE D 68 26.86 22.33 -16.96
N ILE D 69 26.80 21.20 -16.27
CA ILE D 69 26.67 19.94 -16.95
C ILE D 69 25.30 19.92 -17.65
N ARG D 70 25.28 19.45 -18.87
CA ARG D 70 24.06 19.44 -19.62
C ARG D 70 23.91 18.08 -20.29
N GLY D 71 22.70 17.77 -20.76
CA GLY D 71 22.48 16.49 -21.40
C GLY D 71 22.95 16.52 -22.84
N ALA D 72 23.54 15.41 -23.26
CA ALA D 72 23.81 15.19 -24.67
C ALA D 72 22.48 14.89 -25.36
N GLY D 73 22.54 14.59 -26.66
CA GLY D 73 21.33 14.26 -27.40
C GLY D 73 20.94 12.80 -27.24
N LYS D 74 21.88 12.00 -26.75
CA LYS D 74 21.68 10.57 -26.55
C LYS D 74 20.32 10.34 -25.86
N PRO D 75 19.50 9.43 -26.41
CA PRO D 75 18.15 9.18 -25.89
C PRO D 75 18.16 8.40 -24.57
N ASN D 76 17.30 8.76 -23.64
CA ASN D 76 17.28 8.17 -22.29
C ASN D 76 18.67 8.19 -21.65
N SER D 77 19.37 9.32 -21.78
CA SER D 77 20.71 9.48 -21.23
C SER D 77 20.78 10.49 -20.09
N SER D 78 19.73 11.28 -19.91
CA SER D 78 19.69 12.32 -18.89
C SER D 78 18.54 12.04 -17.92
N ALA D 79 18.77 12.34 -16.65
CA ALA D 79 17.72 12.17 -15.65
C ALA D 79 17.79 13.27 -14.59
N VAL D 80 16.72 13.40 -13.83
CA VAL D 80 16.73 14.36 -12.75
C VAL D 80 15.99 13.75 -11.55
N ALA D 81 16.35 14.16 -10.33
CA ALA D 81 15.59 13.79 -9.15
C ALA D 81 15.45 15.03 -8.27
N ILE D 82 14.21 15.43 -8.02
CA ILE D 82 13.94 16.54 -7.12
C ILE D 82 13.82 15.98 -5.70
N LEU D 83 14.69 16.43 -4.80
CA LEU D 83 14.76 15.83 -3.47
C LEU D 83 13.96 16.61 -2.43
N GLU D 84 12.91 15.96 -1.94
CA GLU D 84 11.97 16.56 -1.01
C GLU D 84 11.96 15.80 0.32
N THR D 85 11.73 16.52 1.40
CA THR D 85 11.59 15.88 2.71
C THR D 85 10.24 15.22 2.77
N PHE D 86 10.13 14.13 3.52
CA PHE D 86 8.86 13.45 3.69
C PHE D 86 8.31 13.63 5.12
N GLN D 87 9.16 13.45 6.14
CA GLN D 87 8.68 13.69 7.50
C GLN D 87 8.72 15.16 7.92
N LYS D 88 7.89 15.52 8.89
CA LYS D 88 7.95 16.86 9.43
C LYS D 88 8.99 16.87 10.53
N TYR D 89 9.94 17.78 10.43
CA TYR D 89 10.97 17.87 11.47
C TYR D 89 10.77 19.14 12.30
N THR D 90 11.01 19.04 13.61
CA THR D 90 10.99 20.19 14.51
C THR D 90 12.00 21.23 14.01
N ILE D 91 13.19 20.74 13.71
CA ILE D 91 14.31 21.56 13.31
C ILE D 91 14.17 22.16 11.91
N ASP D 92 13.20 21.67 11.16
CA ASP D 92 13.03 22.18 9.81
C ASP D 92 11.76 22.99 9.76
N GLN D 93 11.89 24.30 9.85
CA GLN D 93 10.73 25.17 9.89
C GLN D 93 10.53 25.89 8.55
N LYS D 94 11.32 25.49 7.55
CA LYS D 94 11.11 25.95 6.17
C LYS D 94 9.85 25.30 5.60
N LYS D 95 8.75 26.03 5.58
CA LYS D 95 7.47 25.41 5.22
C LYS D 95 6.91 25.86 3.86
N ASP D 96 7.66 26.69 3.15
CA ASP D 96 7.22 27.18 1.84
C ASP D 96 7.45 26.13 0.76
N THR D 97 8.38 25.21 1.01
CA THR D 97 8.63 24.08 0.13
C THR D 97 9.36 22.97 0.86
N ALA D 98 9.10 21.72 0.48
CA ALA D 98 9.82 20.63 1.10
C ALA D 98 11.07 20.26 0.31
N VAL D 99 11.28 20.93 -0.82
CA VAL D 99 12.48 20.71 -1.62
C VAL D 99 13.74 21.15 -0.86
N ARG D 100 14.72 20.26 -0.79
CA ARG D 100 16.01 20.57 -0.14
C ARG D 100 17.17 20.36 -1.10
N GLY D 101 16.93 19.63 -2.18
CA GLY D 101 18.00 19.25 -3.09
C GLY D 101 17.59 18.89 -4.51
N LEU D 102 18.59 18.85 -5.37
CA LEU D 102 18.39 18.56 -6.78
C LEU D 102 19.52 17.68 -7.28
N ALA D 103 19.15 16.60 -7.95
CA ALA D 103 20.14 15.75 -8.62
C ALA D 103 19.93 15.88 -10.12
N ARG D 104 20.98 16.32 -10.83
CA ARG D 104 20.97 16.24 -12.28
C ARG D 104 21.89 15.13 -12.70
N ILE D 105 21.37 14.24 -13.55
CA ILE D 105 22.08 13.03 -13.93
C ILE D 105 22.30 12.96 -15.45
N VAL D 106 23.54 12.73 -15.87
CA VAL D 106 23.82 12.53 -17.28
C VAL D 106 24.64 11.27 -17.46
N GLN D 107 24.34 10.52 -18.51
CA GLN D 107 25.16 9.39 -18.84
C GLN D 107 26.42 9.95 -19.45
N VAL D 108 27.56 9.52 -18.93
CA VAL D 108 28.80 10.13 -19.29
C VAL D 108 29.75 9.09 -19.89
N GLY D 109 29.30 7.84 -19.91
CA GLY D 109 30.12 6.76 -20.40
C GLY D 109 29.22 5.72 -21.00
N GLU D 110 29.75 4.53 -21.25
CA GLU D 110 28.89 3.47 -21.74
C GLU D 110 28.19 2.84 -20.54
N ASN D 111 28.93 2.69 -19.45
CA ASN D 111 28.32 2.35 -18.18
C ASN D 111 28.76 3.32 -17.09
N LYS D 112 28.83 4.60 -17.42
CA LYS D 112 29.23 5.61 -16.45
C LYS D 112 28.21 6.73 -16.40
N THR D 113 27.87 7.17 -15.21
CA THR D 113 26.92 8.26 -15.10
C THR D 113 27.44 9.26 -14.09
N LEU D 114 27.15 10.53 -14.29
CA LEU D 114 27.71 11.59 -13.49
C LEU D 114 26.58 12.37 -12.82
N PHE D 115 26.75 12.76 -11.57
CA PHE D 115 25.65 13.35 -10.77
C PHE D 115 25.96 14.77 -10.27
N ASP D 116 25.18 15.74 -10.73
CA ASP D 116 25.33 17.13 -10.29
C ASP D 116 24.37 17.36 -9.12
N ILE D 117 24.91 17.31 -7.91
CA ILE D 117 24.12 17.39 -6.70
C ILE D 117 24.22 18.75 -6.05
N THR D 118 23.08 19.37 -5.77
CA THR D 118 23.04 20.60 -4.99
C THR D 118 22.07 20.47 -3.82
N VAL D 119 22.46 20.97 -2.65
CA VAL D 119 21.60 20.99 -1.46
C VAL D 119 21.52 22.40 -0.92
N ASN D 120 20.34 22.80 -0.45
CA ASN D 120 20.16 24.15 0.03
C ASN D 120 18.94 24.24 0.97
N GLY D 121 19.13 24.83 2.15
CA GLY D 121 18.03 25.02 3.08
C GLY D 121 17.89 23.95 4.15
N VAL D 122 18.92 23.11 4.32
CA VAL D 122 18.96 22.12 5.41
C VAL D 122 19.26 22.81 6.74
N PRO D 123 18.64 22.35 7.84
CA PRO D 123 18.82 22.98 9.15
C PRO D 123 20.16 22.62 9.84
N GLU D 124 20.64 21.39 9.68
CA GLU D 124 21.89 20.98 10.35
C GLU D 124 23.02 20.89 9.33
N ALA D 125 24.09 21.66 9.54
CA ALA D 125 25.32 21.50 8.77
C ALA D 125 25.91 20.12 8.99
N GLY D 126 26.65 19.61 8.01
CA GLY D 126 27.19 18.27 8.16
C GLY D 126 27.50 17.55 6.87
N ASN D 127 28.09 16.37 6.98
CA ASN D 127 28.24 15.50 5.84
C ASN D 127 26.94 14.73 5.64
N TYR D 128 26.36 14.87 4.44
CA TYR D 128 25.17 14.12 4.04
C TYR D 128 25.55 13.01 3.08
N HIS D 129 24.88 11.87 3.18
CA HIS D 129 25.20 10.71 2.35
C HIS D 129 24.11 10.44 1.33
N ALA D 130 24.52 10.19 0.09
CA ALA D 130 23.58 9.90 -0.98
C ALA D 130 23.52 8.41 -1.27
N SER D 131 22.32 7.91 -1.48
CA SER D 131 22.15 6.53 -1.91
C SER D 131 21.01 6.45 -2.91
N ILE D 132 21.01 5.39 -3.71
CA ILE D 132 19.92 5.12 -4.60
C ILE D 132 19.25 3.86 -4.10
N HIS D 133 17.94 3.92 -3.89
CA HIS D 133 17.20 2.76 -3.39
C HIS D 133 16.45 2.06 -4.51
N GLU D 134 16.09 0.80 -4.28
CA GLU D 134 15.60 -0.09 -5.33
C GLU D 134 14.32 0.43 -5.99
N LYS D 135 13.43 0.94 -5.16
CA LYS D 135 12.08 1.29 -5.59
C LYS D 135 11.85 2.78 -5.60
N GLY D 136 11.07 3.24 -6.56
CA GLY D 136 10.69 4.64 -6.64
C GLY D 136 9.35 4.88 -5.97
N ASP D 137 9.14 4.23 -4.81
CA ASP D 137 7.90 4.42 -4.07
C ASP D 137 8.16 5.33 -2.86
N VAL D 138 7.76 6.59 -2.99
CA VAL D 138 8.01 7.56 -1.94
C VAL D 138 6.74 7.90 -1.17
N SER D 139 5.73 7.03 -1.27
CA SER D 139 4.49 7.24 -0.51
C SER D 139 4.69 7.25 1.02
N LYS D 140 5.59 6.41 1.52
CA LYS D 140 5.91 6.36 2.94
C LYS D 140 7.33 6.88 3.24
N GLY D 141 7.82 7.80 2.40
CA GLY D 141 9.15 8.38 2.53
C GLY D 141 10.22 7.37 2.25
N VAL D 142 11.37 7.51 2.92
CA VAL D 142 12.49 6.58 2.73
C VAL D 142 12.08 5.14 2.97
N GLU D 143 11.20 4.94 3.96
CA GLU D 143 10.71 3.63 4.37
C GLU D 143 10.19 2.79 3.21
N SER D 144 9.47 3.43 2.29
CA SER D 144 8.85 2.71 1.16
C SER D 144 9.77 2.55 -0.05
N THR D 145 10.97 3.10 0.00
CA THR D 145 11.86 2.99 -1.14
C THR D 145 12.61 1.65 -1.19
N GLY D 146 12.40 0.81 -0.18
CA GLY D 146 13.07 -0.48 -0.12
C GLY D 146 14.54 -0.32 0.19
N LYS D 147 15.34 -1.32 -0.18
CA LYS D 147 16.75 -1.38 0.23
C LYS D 147 17.65 -0.45 -0.58
N VAL D 148 18.80 -0.10 -0.03
CA VAL D 148 19.83 0.63 -0.77
C VAL D 148 20.25 -0.21 -1.98
N TRP D 149 20.43 0.44 -3.13
CA TRP D 149 20.67 -0.23 -4.40
C TRP D 149 22.05 0.18 -4.92
N HIS D 150 22.42 1.42 -4.63
CA HIS D 150 23.78 1.89 -4.86
C HIS D 150 24.13 2.93 -3.80
N LYS D 151 25.22 2.72 -3.07
CA LYS D 151 25.62 3.68 -2.05
C LYS D 151 26.76 4.54 -2.57
N PHE D 152 26.65 5.84 -2.39
CA PHE D 152 27.73 6.73 -2.76
C PHE D 152 28.65 6.99 -1.59
N ASP D 153 29.92 6.65 -1.78
CA ASP D 153 30.95 6.74 -0.74
C ASP D 153 31.18 8.17 -0.31
N GLU D 154 31.23 9.04 -1.30
CA GLU D 154 31.51 10.44 -1.09
C GLU D 154 30.32 11.13 -0.45
N PRO D 155 30.60 11.99 0.53
CA PRO D 155 29.57 12.79 1.18
C PRO D 155 29.25 14.10 0.45
N ILE D 156 28.07 14.64 0.73
CA ILE D 156 27.71 15.98 0.29
C ILE D 156 28.03 16.95 1.41
N GLU D 157 29.10 17.73 1.24
CA GLU D 157 29.57 18.63 2.28
C GLU D 157 28.67 19.86 2.37
N CYS D 158 27.77 19.82 3.35
CA CYS D 158 26.85 20.91 3.56
C CYS D 158 27.22 21.74 4.79
N PHE D 159 28.20 22.63 4.60
CA PHE D 159 28.63 23.54 5.65
C PHE D 159 28.57 24.99 5.20
N ASN D 160 28.36 25.23 3.90
CA ASN D 160 28.25 26.60 3.38
C ASN D 160 27.01 27.26 3.98
N GLU D 161 27.08 28.53 4.34
CA GLU D 161 25.86 29.17 4.78
C GLU D 161 24.96 29.33 3.57
N SER D 162 23.65 29.29 3.82
CA SER D 162 22.65 29.35 2.77
C SER D 162 22.07 30.75 2.63
N ASP D 163 21.83 31.15 1.39
CA ASP D 163 21.15 32.42 1.11
C ASP D 163 19.69 32.42 1.60
N LEU D 164 19.15 31.24 1.90
CA LEU D 164 17.78 31.12 2.41
C LEU D 164 17.64 31.50 3.89
N GLY D 165 18.67 32.17 4.44
CA GLY D 165 18.66 32.63 5.82
C GLY D 165 19.69 31.93 6.69
N LYS D 166 19.80 32.38 7.95
CA LYS D 166 20.78 31.79 8.88
C LYS D 166 20.21 30.50 9.46
N ASN D 167 21.10 29.69 10.03
CA ASN D 167 20.79 28.33 10.49
C ASN D 167 20.34 27.42 9.35
N LEU D 168 20.64 27.83 8.11
CA LEU D 168 20.38 26.98 6.95
C LEU D 168 21.68 26.81 6.21
N TYR D 169 21.91 25.61 5.68
CA TYR D 169 23.17 25.34 5.03
C TYR D 169 22.97 24.78 3.62
N SER D 170 24.05 24.84 2.84
CA SER D 170 24.03 24.43 1.46
C SER D 170 25.28 23.63 1.16
N GLY D 171 25.23 22.85 0.10
CA GLY D 171 26.38 22.09 -0.33
C GLY D 171 26.16 21.70 -1.78
N LYS D 172 27.24 21.34 -2.45
CA LYS D 172 27.18 20.89 -3.84
C LYS D 172 28.30 19.93 -4.09
N THR D 173 28.07 18.98 -4.98
CA THR D 173 29.13 18.04 -5.31
C THR D 173 28.81 17.29 -6.58
N PHE D 174 29.85 16.79 -7.22
CA PHE D 174 29.71 15.81 -8.28
C PHE D 174 29.95 14.42 -7.72
N LEU D 175 29.07 13.49 -8.07
CA LEU D 175 29.27 12.08 -7.77
C LEU D 175 29.41 11.35 -9.08
N SER D 176 29.76 10.08 -9.02
CA SER D 176 29.83 9.27 -10.21
C SER D 176 29.39 7.84 -9.88
N ALA D 177 28.95 7.10 -10.88
CA ALA D 177 28.57 5.71 -10.69
C ALA D 177 28.88 4.94 -11.95
N PRO D 178 29.30 3.68 -11.80
CA PRO D 178 29.54 2.83 -12.95
C PRO D 178 28.23 2.22 -13.45
N LEU D 179 27.24 3.08 -13.63
CA LEU D 179 25.90 2.65 -14.04
C LEU D 179 25.39 3.51 -15.19
N PRO D 180 24.70 2.90 -16.15
CA PRO D 180 24.01 3.69 -17.19
C PRO D 180 22.70 4.29 -16.64
N THR D 181 22.26 5.38 -17.27
CA THR D 181 21.09 6.12 -16.80
C THR D 181 19.81 5.29 -16.82
N TRP D 182 19.68 4.41 -17.82
CA TRP D 182 18.44 3.64 -18.00
C TRP D 182 18.18 2.72 -16.81
N GLN D 183 19.23 2.43 -16.05
CA GLN D 183 19.11 1.56 -14.88
C GLN D 183 18.65 2.30 -13.63
N LEU D 184 18.77 3.62 -13.65
CA LEU D 184 18.41 4.45 -12.51
C LEU D 184 16.97 4.95 -12.62
N ILE D 185 16.41 4.90 -13.83
CA ILE D 185 15.09 5.45 -14.10
C ILE D 185 14.03 4.78 -13.24
N GLY D 186 13.26 5.58 -12.50
CA GLY D 186 12.18 5.05 -11.71
C GLY D 186 12.55 4.61 -10.30
N ARG D 187 13.84 4.70 -9.94
CA ARG D 187 14.27 4.36 -8.59
C ARG D 187 14.30 5.62 -7.74
N SER D 188 14.71 5.50 -6.48
CA SER D 188 14.76 6.63 -5.58
C SER D 188 16.17 7.15 -5.32
N PHE D 189 16.32 8.46 -5.37
CA PHE D 189 17.55 9.12 -4.94
C PHE D 189 17.35 9.71 -3.55
N VAL D 190 18.24 9.37 -2.63
CA VAL D 190 18.06 9.72 -1.23
C VAL D 190 19.28 10.40 -0.65
N ILE D 191 19.06 11.55 -0.02
CA ILE D 191 20.13 12.21 0.70
C ILE D 191 19.66 12.32 2.14
N SER D 192 20.50 11.88 3.07
CA SER D 192 20.16 11.92 4.49
C SER D 192 21.40 12.10 5.34
N LYS D 193 21.14 12.44 6.59
CA LYS D 193 22.15 12.51 7.63
C LYS D 193 21.51 12.09 8.95
N SER D 194 22.31 11.46 9.81
CA SER D 194 21.89 11.18 11.18
C SER D 194 21.56 12.52 11.85
N LEU D 195 20.40 12.62 12.49
CA LEU D 195 20.05 13.85 13.23
C LEU D 195 21.02 14.10 14.39
N ASN D 196 21.35 15.37 14.62
CA ASN D 196 22.11 15.69 15.82
C ASN D 196 21.28 15.51 17.10
N HIS D 197 19.98 15.82 17.06
CA HIS D 197 19.15 15.70 18.24
C HIS D 197 17.90 14.82 18.00
N PRO D 198 18.08 13.49 17.95
CA PRO D 198 17.00 12.51 17.73
C PRO D 198 15.91 12.59 18.80
N GLU D 199 16.32 13.00 20.00
CA GLU D 199 15.45 13.20 21.14
C GLU D 199 14.25 14.11 20.85
N ASN D 200 14.53 15.31 20.34
CA ASN D 200 13.49 16.33 20.12
C ASN D 200 12.52 16.00 19.01
N GLU D 201 12.80 14.94 18.26
CA GLU D 201 11.91 14.55 17.17
C GLU D 201 11.03 13.40 17.67
N PRO D 202 9.74 13.70 17.94
CA PRO D 202 8.78 12.80 18.61
C PRO D 202 8.58 11.46 17.92
N SER D 203 8.74 11.46 16.61
CA SER D 203 8.42 10.30 15.77
C SER D 203 9.30 9.08 16.02
N SER D 204 10.28 9.19 16.92
CA SER D 204 11.29 8.15 17.11
C SER D 204 12.02 7.93 15.78
N VAL D 205 12.04 8.99 14.97
CA VAL D 205 12.68 8.99 13.67
C VAL D 205 14.17 9.37 13.84
N LYS D 206 15.06 8.60 13.21
CA LYS D 206 16.49 8.75 13.47
C LYS D 206 17.23 9.68 12.50
N ASP D 207 16.69 9.86 11.30
CA ASP D 207 17.43 10.54 10.22
C ASP D 207 16.75 11.76 9.59
N TYR D 208 17.56 12.67 9.07
CA TYR D 208 17.04 13.76 8.26
C TYR D 208 17.23 13.43 6.81
N SER D 209 16.12 13.17 6.11
CA SER D 209 16.18 12.65 4.74
C SER D 209 15.35 13.45 3.74
N PHE D 210 15.88 13.64 2.55
CA PHE D 210 15.06 14.19 1.47
C PHE D 210 15.30 13.35 0.23
N LEU D 211 14.24 13.15 -0.56
CA LEU D 211 14.28 12.12 -1.60
C LEU D 211 13.39 12.43 -2.79
N GLY D 212 13.68 11.76 -3.90
CA GLY D 212 12.86 11.91 -5.09
C GLY D 212 13.04 10.74 -6.03
N VAL D 213 11.98 10.46 -6.78
CA VAL D 213 12.04 9.46 -7.83
C VAL D 213 12.95 9.94 -8.94
N ILE D 214 13.86 9.10 -9.36
CA ILE D 214 14.71 9.48 -10.47
C ILE D 214 13.89 9.44 -11.75
N ALA D 215 13.77 10.60 -12.40
CA ALA D 215 12.85 10.81 -13.52
C ALA D 215 13.59 11.03 -14.84
N ARG D 216 12.97 10.59 -15.94
CA ARG D 216 13.52 10.90 -17.26
C ARG D 216 13.56 12.41 -17.51
N SER D 217 14.63 12.86 -18.14
CA SER D 217 14.76 14.27 -18.49
C SER D 217 15.43 14.46 -19.85
N ALA D 218 15.06 15.53 -20.55
CA ALA D 218 15.69 15.89 -21.82
C ALA D 218 17.12 16.36 -21.59
N GLY D 219 17.38 16.84 -20.38
CA GLY D 219 18.72 17.28 -20.01
C GLY D 219 19.02 18.65 -20.55
N VAL D 220 17.97 19.40 -20.88
CA VAL D 220 18.12 20.78 -21.28
C VAL D 220 17.91 21.68 -20.08
N TRP D 221 18.88 21.68 -19.19
CA TRP D 221 18.81 22.46 -17.97
C TRP D 221 19.46 23.81 -18.17
N GLU D 222 18.95 24.79 -17.45
CA GLU D 222 19.46 26.15 -17.49
C GLU D 222 20.57 26.32 -16.44
N ASN D 223 21.19 27.49 -16.42
CA ASN D 223 22.32 27.79 -15.54
C ASN D 223 21.99 27.72 -14.04
N ASN D 224 20.98 28.48 -13.60
CA ASN D 224 20.57 28.40 -12.20
C ASN D 224 19.80 27.12 -11.98
N LYS D 225 20.20 26.39 -10.94
CA LYS D 225 19.62 25.10 -10.64
C LYS D 225 18.42 25.30 -9.73
N GLN D 226 17.23 25.35 -10.30
CA GLN D 226 16.04 25.70 -9.53
C GLN D 226 14.86 24.74 -9.74
N VAL D 227 13.84 24.89 -8.90
CA VAL D 227 12.65 24.05 -8.98
C VAL D 227 11.44 24.93 -8.90
N CYS D 228 10.51 24.78 -9.84
CA CYS D 228 9.30 25.60 -9.83
C CYS D 228 8.13 24.81 -9.29
N ALA D 229 7.14 25.51 -8.72
CA ALA D 229 5.89 24.90 -8.30
C ALA D 229 5.03 24.58 -9.52
N CYS D 230 3.98 23.79 -9.30
CA CYS D 230 2.96 23.53 -10.33
C CYS D 230 2.46 24.84 -10.94
N THR D 231 2.46 25.89 -10.13
CA THR D 231 2.16 27.27 -10.54
C THR D 231 3.02 27.82 -11.68
N GLY D 232 4.33 27.64 -11.58
CA GLY D 232 5.29 28.31 -12.44
C GLY D 232 6.19 29.15 -11.57
N LYS D 233 5.70 29.41 -10.35
CA LYS D 233 6.40 30.08 -9.28
C LYS D 233 7.69 29.34 -8.92
N THR D 234 8.80 30.05 -8.77
CA THR D 234 10.04 29.41 -8.37
C THR D 234 10.05 29.24 -6.85
N VAL D 235 10.20 28.00 -6.39
CA VAL D 235 10.09 27.69 -4.95
C VAL D 235 11.39 27.29 -4.27
N TRP D 236 12.45 27.10 -5.06
CA TRP D 236 13.75 26.71 -4.53
C TRP D 236 14.81 26.88 -5.62
N ALA D 237 16.04 27.15 -5.19
CA ALA D 237 17.18 27.25 -6.10
C ALA D 237 18.43 26.79 -5.36
N ALA D 238 19.41 26.25 -6.07
CA ALA D 238 20.68 25.92 -5.44
C ALA D 238 21.28 27.22 -4.94
N ALA D 239 22.12 27.17 -3.92
CA ALA D 239 22.79 28.38 -3.45
C ALA D 239 23.87 28.81 -4.45
N LYS D 240 24.04 30.12 -4.64
CA LYS D 240 25.06 30.61 -5.58
C LYS D 240 26.47 30.48 -5.01
ZN ZN E . -31.73 -9.85 5.29
ZN ZN F . -23.02 -41.40 28.22
ZN ZN G . -2.43 13.57 -25.50
#